data_6EUD
#
_entry.id   6EUD
#
_cell.length_a   49.710
_cell.length_b   131.410
_cell.length_c   166.110
_cell.angle_alpha   90.00
_cell.angle_beta   90.00
_cell.angle_gamma   90.00
#
_symmetry.space_group_name_H-M   'P 21 21 21'
#
loop_
_entity.id
_entity.type
_entity.pdbx_description
1 polymer 'ATP-dependent RNA helicase HrpB'
2 non-polymer 1,2-ETHANEDIOL
3 water water
#
_entity_poly.entity_id   1
_entity_poly.type   'polypeptide(L)'
_entity_poly.pdbx_seq_one_letter_code
;AMAMSSLPVAAVLPELLTALDCAPQVLLSAPTGAGKSTWLPLQLLAHPGINGKIILLEPRRLAARNVAQRLAELLNEKPG
DTVGYRMRAQNCVGPNTRLEVVTEGVLTRMIQRDPELSGVGLVILDEFHERSLQADLALALLLDVQQGLRDDLKLLIMSA
TLDNDRLQQMLPEAPVVISEGRSFPVERRYLPLPAHQRFDDAVAVATAEMLRQESGSLLLFLPGVGEIQRVQEQLASRIG
SDVLLCPLYGALSLNDQRKAILPAPQGMRKVVLATNIAETSLTIEGIRLVVDCAQERVARFDPRTGLTRLITQRVSQASM
TQRAGRAGRLEPGISLHLIAKEQAERAAAQSEPEILQSDLSGLLMELLQWGCSDPAQMSWLDQPPVVNLLAAKRLLQMLG
ALEGERLSAQGQKMAALGNDPRLAAMLVSAKNDDEAATAAKIAAILEEPPRMGNSDLGVAFSRNQPAWQQRSQQLLKRLN
VRGGEADSSLIAPLLAGAFADRIARRRGQDGRYQLANGMGAMLDANDALSRHEWLIAPLLLQGSASPDARILLALLVDID
ELVQRCPQLVQQSDTVEWDDAQGTLKAWRRLQIGQLTVKVQPLAKPSEDELHQAMLNGIRDKGLSVLNWTAEAEQLRLRL
LCAAKWLPEYDWPAVDDESLLAALETWLLPHMTGVHSLRGLKSLDIYQALRGLLDWGMQQRLDSELPAHYTVPTGSRIAI
RYHEDNPPALAVRMQEMFGEATNPTIAQGRVPLVLELLSPAQRPLQITRDLSDFWKGAYREVQKEMKGRYPKHVWPDDPA
NTAPTRRTKKYS
;
_entity_poly.pdbx_strand_id   A
#
loop_
_chem_comp.id
_chem_comp.type
_chem_comp.name
_chem_comp.formula
EDO non-polymer 1,2-ETHANEDIOL 'C2 H6 O2'
#
# COMPACT_ATOMS: atom_id res chain seq x y z
N ALA A 1 30.90 -10.10 -42.69
CA ALA A 1 29.71 -10.65 -43.32
C ALA A 1 28.80 -9.55 -43.85
N MET A 2 28.15 -9.80 -44.98
CA MET A 2 27.30 -8.80 -45.62
C MET A 2 25.82 -9.09 -45.36
N ALA A 3 25.44 -10.36 -45.37
CA ALA A 3 24.05 -10.77 -45.08
C ALA A 3 23.81 -10.89 -43.57
N MET A 4 22.97 -10.01 -43.03
CA MET A 4 22.71 -9.95 -41.59
C MET A 4 22.26 -11.28 -40.98
N SER A 5 22.42 -11.40 -39.67
CA SER A 5 22.02 -12.60 -38.94
C SER A 5 20.54 -12.53 -38.58
N SER A 6 19.79 -13.56 -38.97
CA SER A 6 18.38 -13.65 -38.63
C SER A 6 18.24 -13.74 -37.10
N LEU A 7 17.65 -12.70 -36.50
CA LEU A 7 17.52 -12.60 -35.05
C LEU A 7 16.81 -13.81 -34.46
N PRO A 8 17.17 -14.18 -33.21
CA PRO A 8 16.67 -15.40 -32.56
C PRO A 8 15.15 -15.46 -32.44
N VAL A 9 14.51 -14.29 -32.45
CA VAL A 9 13.06 -14.22 -32.39
C VAL A 9 12.45 -14.79 -33.68
N ALA A 10 13.19 -14.72 -34.78
CA ALA A 10 12.72 -15.28 -36.03
C ALA A 10 12.53 -16.79 -35.88
N ALA A 11 13.45 -17.42 -35.17
CA ALA A 11 13.48 -18.89 -35.06
C ALA A 11 12.35 -19.43 -34.19
N VAL A 12 11.60 -18.53 -33.56
CA VAL A 12 10.55 -18.94 -32.64
C VAL A 12 9.18 -18.50 -33.17
N LEU A 13 9.21 -17.68 -34.23
CA LEU A 13 8.01 -17.10 -34.84
C LEU A 13 6.91 -18.10 -35.28
N PRO A 14 7.30 -19.21 -35.94
CA PRO A 14 6.24 -20.13 -36.33
C PRO A 14 5.48 -20.72 -35.14
N GLU A 15 6.20 -21.08 -34.08
CA GLU A 15 5.56 -21.57 -32.85
C GLU A 15 4.58 -20.55 -32.29
N LEU A 16 4.93 -19.27 -32.43
CA LEU A 16 4.14 -18.17 -31.91
C LEU A 16 2.84 -17.96 -32.70
N LEU A 17 2.94 -18.03 -34.02
CA LEU A 17 1.78 -17.86 -34.87
C LEU A 17 0.76 -18.96 -34.59
N THR A 18 1.23 -20.20 -34.43
CA THR A 18 0.36 -21.33 -34.12
C THR A 18 -0.39 -21.13 -32.80
N ALA A 19 0.32 -20.68 -31.77
CA ALA A 19 -0.30 -20.38 -30.47
C ALA A 19 -1.17 -19.13 -30.55
N LEU A 20 -0.74 -18.17 -31.34
CA LEU A 20 -1.46 -16.91 -31.52
C LEU A 20 -2.88 -17.17 -32.02
N ASP A 21 -2.98 -18.03 -33.04
CA ASP A 21 -4.26 -18.37 -33.65
C ASP A 21 -4.92 -19.58 -32.97
N CYS A 22 -4.65 -19.76 -31.68
CA CYS A 22 -5.17 -20.91 -30.93
C CYS A 22 -5.76 -20.49 -29.58
N ALA A 23 -5.12 -19.51 -28.95
CA ALA A 23 -5.50 -19.10 -27.61
C ALA A 23 -5.79 -17.60 -27.50
N PRO A 24 -6.61 -17.22 -26.51
CA PRO A 24 -6.88 -15.80 -26.23
C PRO A 24 -5.68 -15.07 -25.60
N GLN A 25 -4.79 -15.79 -24.93
CA GLN A 25 -3.55 -15.17 -24.43
C GLN A 25 -2.33 -16.01 -24.84
N VAL A 26 -1.26 -15.33 -25.24
CA VAL A 26 0.00 -15.99 -25.54
C VAL A 26 1.13 -15.32 -24.78
N LEU A 27 1.90 -16.10 -24.04
CA LEU A 27 3.04 -15.58 -23.28
C LEU A 27 4.37 -15.84 -24.02
N LEU A 28 5.10 -14.76 -24.31
CA LEU A 28 6.40 -14.88 -24.98
C LEU A 28 7.55 -14.42 -24.09
N SER A 29 8.55 -15.28 -24.00
CA SER A 29 9.77 -15.00 -23.25
C SER A 29 10.97 -15.00 -24.20
N ALA A 30 11.77 -13.95 -24.13
CA ALA A 30 12.92 -13.78 -25.02
C ALA A 30 13.82 -12.66 -24.50
N PRO A 31 15.15 -12.84 -24.61
CA PRO A 31 16.13 -11.79 -24.22
C PRO A 31 15.82 -10.47 -24.92
N THR A 32 16.28 -9.37 -24.36
CA THR A 32 15.80 -8.07 -24.82
C THR A 32 16.38 -7.62 -26.17
N GLY A 33 17.63 -7.99 -26.43
CA GLY A 33 18.27 -7.60 -27.67
C GLY A 33 17.98 -8.57 -28.80
N ALA A 34 17.10 -9.53 -28.54
CA ALA A 34 16.78 -10.56 -29.52
C ALA A 34 15.90 -10.00 -30.63
N GLY A 35 15.31 -8.83 -30.38
CA GLY A 35 14.49 -8.16 -31.39
C GLY A 35 13.02 -8.40 -31.21
N LYS A 36 12.61 -8.84 -30.02
CA LYS A 36 11.21 -9.13 -29.75
C LYS A 36 10.36 -7.86 -29.88
N SER A 37 11.00 -6.71 -29.67
CA SER A 37 10.33 -5.41 -29.74
C SER A 37 10.54 -4.74 -31.10
N THR A 38 11.77 -4.84 -31.62
CA THR A 38 12.18 -4.11 -32.81
C THR A 38 12.04 -4.93 -34.09
N TRP A 39 11.34 -6.05 -34.00
CA TRP A 39 11.13 -6.87 -35.18
C TRP A 39 9.77 -7.52 -35.13
N LEU A 40 9.57 -8.39 -34.15
CA LEU A 40 8.39 -9.26 -34.08
C LEU A 40 7.01 -8.62 -34.38
N PRO A 41 6.77 -7.36 -33.95
CA PRO A 41 5.47 -6.76 -34.27
C PRO A 41 5.05 -6.77 -35.75
N LEU A 42 5.93 -6.35 -36.66
CA LEU A 42 5.63 -6.29 -38.08
C LEU A 42 5.16 -7.64 -38.64
N GLN A 43 5.71 -8.72 -38.13
CA GLN A 43 5.43 -10.06 -38.68
C GLN A 43 4.10 -10.61 -38.18
N LEU A 44 3.63 -10.09 -37.05
CA LEU A 44 2.28 -10.39 -36.57
C LEU A 44 1.27 -9.48 -37.30
N LEU A 45 1.77 -8.37 -37.81
CA LEU A 45 0.96 -7.43 -38.57
C LEU A 45 0.69 -7.98 -39.98
N ALA A 46 1.75 -8.55 -40.57
CA ALA A 46 1.70 -9.12 -41.91
C ALA A 46 1.03 -10.50 -41.91
N HIS A 47 0.93 -11.11 -40.73
CA HIS A 47 0.25 -12.39 -40.56
C HIS A 47 -1.27 -12.24 -40.64
N PRO A 48 -1.90 -12.96 -41.60
CA PRO A 48 -3.33 -12.84 -41.90
C PRO A 48 -4.22 -13.34 -40.76
N GLY A 49 -3.65 -14.11 -39.84
CA GLY A 49 -4.39 -14.59 -38.68
C GLY A 49 -4.85 -13.48 -37.76
N ILE A 50 -4.05 -12.42 -37.67
CA ILE A 50 -4.38 -11.26 -36.84
C ILE A 50 -5.26 -10.29 -37.64
N ASN A 51 -6.35 -9.85 -37.02
CA ASN A 51 -7.33 -8.99 -37.71
C ASN A 51 -7.37 -7.54 -37.20
N GLY A 52 -6.85 -6.62 -38.01
CA GLY A 52 -6.94 -5.21 -37.71
C GLY A 52 -5.68 -4.57 -37.15
N LYS A 53 -5.85 -3.79 -36.09
CA LYS A 53 -4.77 -3.03 -35.48
C LYS A 53 -4.05 -3.82 -34.38
N ILE A 54 -2.81 -3.44 -34.09
CA ILE A 54 -2.05 -4.03 -32.99
C ILE A 54 -1.52 -2.92 -32.09
N ILE A 55 -1.73 -3.05 -30.79
CA ILE A 55 -1.22 -2.06 -29.85
C ILE A 55 -0.02 -2.61 -29.09
N LEU A 56 1.03 -1.80 -28.99
CA LEU A 56 2.25 -2.19 -28.30
C LEU A 56 2.56 -1.24 -27.15
N LEU A 57 2.26 -1.71 -25.93
CA LEU A 57 2.51 -0.93 -24.70
C LEU A 57 3.97 -0.99 -24.31
N GLU A 58 4.56 0.16 -24.02
CA GLU A 58 5.93 0.23 -23.53
C GLU A 58 5.95 0.93 -22.17
N PRO A 59 6.84 0.50 -21.27
CA PRO A 59 6.80 0.96 -19.87
C PRO A 59 7.13 2.44 -19.70
N ARG A 60 8.07 2.97 -20.48
CA ARG A 60 8.37 4.40 -20.37
C ARG A 60 8.38 5.09 -21.71
N ARG A 61 8.37 6.42 -21.68
CA ARG A 61 8.35 7.23 -22.89
C ARG A 61 9.56 6.95 -23.78
N LEU A 62 10.71 6.76 -23.17
CA LEU A 62 11.95 6.63 -23.93
C LEU A 62 12.03 5.31 -24.67
N ALA A 63 11.53 4.27 -24.02
CA ALA A 63 11.46 2.95 -24.64
C ALA A 63 10.53 2.99 -25.85
N ALA A 64 9.40 3.67 -25.66
CA ALA A 64 8.28 3.63 -26.60
C ALA A 64 8.61 4.19 -27.96
N ARG A 65 9.47 5.21 -28.00
CA ARG A 65 9.74 5.84 -29.27
C ARG A 65 10.97 5.24 -29.90
N ASN A 66 11.77 4.53 -29.10
CA ASN A 66 12.83 3.70 -29.67
C ASN A 66 12.24 2.59 -30.53
N VAL A 67 11.24 1.91 -29.99
CA VAL A 67 10.60 0.79 -30.69
C VAL A 67 9.86 1.23 -31.97
N ALA A 68 9.08 2.31 -31.86
CA ALA A 68 8.29 2.84 -32.97
C ALA A 68 9.14 3.39 -34.11
N GLN A 69 10.21 4.10 -33.77
CA GLN A 69 11.10 4.67 -34.76
C GLN A 69 11.99 3.60 -35.42
N ARG A 70 12.49 2.67 -34.61
CA ARG A 70 13.36 1.62 -35.12
C ARG A 70 12.62 0.63 -35.99
N LEU A 71 11.38 0.31 -35.61
CA LEU A 71 10.56 -0.62 -36.35
C LEU A 71 10.04 0.00 -37.65
N ALA A 72 10.04 1.33 -37.70
CA ALA A 72 9.62 2.06 -38.89
C ALA A 72 10.71 2.02 -39.97
N GLU A 73 11.98 1.99 -39.55
CA GLU A 73 13.09 1.91 -40.48
C GLU A 73 13.08 0.59 -41.25
N LEU A 74 12.55 -0.46 -40.63
CA LEU A 74 12.47 -1.77 -41.28
C LEU A 74 11.53 -1.74 -42.47
N LEU A 75 10.45 -0.98 -42.35
CA LEU A 75 9.53 -0.77 -43.46
C LEU A 75 9.93 0.44 -44.32
N ASN A 76 11.07 1.04 -43.97
CA ASN A 76 11.59 2.24 -44.66
C ASN A 76 10.60 3.40 -44.65
N GLU A 77 9.98 3.61 -43.50
CA GLU A 77 9.07 4.73 -43.29
C GLU A 77 9.48 5.47 -42.03
N LYS A 78 9.02 6.70 -41.86
CA LYS A 78 9.26 7.42 -40.62
C LYS A 78 8.02 7.20 -39.73
N PRO A 79 8.05 7.60 -38.44
CA PRO A 79 6.91 7.12 -37.67
C PRO A 79 5.69 8.06 -37.76
N GLY A 80 4.58 7.56 -37.22
CA GLY A 80 3.26 8.13 -37.42
C GLY A 80 2.60 7.41 -38.58
N ASP A 81 3.44 6.79 -39.41
CA ASP A 81 3.00 6.22 -40.66
C ASP A 81 3.21 4.70 -40.68
N THR A 82 2.10 3.93 -40.71
CA THR A 82 2.01 2.46 -40.57
C THR A 82 2.50 1.93 -39.23
N VAL A 83 3.53 2.54 -38.66
CA VAL A 83 3.91 2.29 -37.28
C VAL A 83 3.82 3.64 -36.61
N GLY A 84 2.98 3.72 -35.58
CA GLY A 84 2.78 4.96 -34.88
C GLY A 84 3.03 4.82 -33.39
N TYR A 85 2.94 5.94 -32.68
CA TYR A 85 3.11 5.94 -31.24
C TYR A 85 2.16 6.98 -30.61
N ARG A 86 1.84 6.79 -29.33
CA ARG A 86 1.06 7.76 -28.54
C ARG A 86 1.68 7.94 -27.16
N MET A 87 1.71 9.17 -26.67
CA MET A 87 2.26 9.45 -25.33
C MET A 87 1.32 10.34 -24.52
N ARG A 88 1.73 10.71 -23.32
CA ARG A 88 0.90 11.55 -22.45
C ARG A 88 0.69 12.97 -22.99
N ALA A 89 1.64 13.45 -23.78
CA ALA A 89 1.54 14.81 -24.30
C ALA A 89 1.95 14.88 -25.76
N GLN A 90 1.78 13.79 -26.49
CA GLN A 90 2.09 13.75 -27.93
C GLN A 90 1.42 12.58 -28.65
N ASN A 91 0.90 12.84 -29.84
CA ASN A 91 0.31 11.79 -30.68
C ASN A 91 0.89 11.75 -32.09
N CYS A 92 1.11 10.55 -32.61
CA CYS A 92 1.70 10.36 -33.92
C CYS A 92 1.02 9.21 -34.68
N VAL A 93 -0.17 9.46 -35.20
CA VAL A 93 -0.99 8.42 -35.86
C VAL A 93 -1.75 8.98 -37.08
N GLY A 94 -1.77 8.22 -38.18
CA GLY A 94 -2.58 8.59 -39.34
C GLY A 94 -3.73 7.63 -39.61
N PRO A 95 -4.46 7.83 -40.73
CA PRO A 95 -5.56 7.00 -41.28
C PRO A 95 -4.94 5.74 -41.84
N ASN A 96 -3.66 5.66 -41.50
CA ASN A 96 -2.59 4.96 -42.11
C ASN A 96 -2.29 3.78 -41.26
N THR A 97 -1.96 4.05 -40.00
CA THR A 97 -1.29 3.12 -39.09
C THR A 97 -2.00 1.77 -38.91
N ARG A 98 -1.27 0.78 -38.44
CA ARG A 98 -1.89 -0.48 -38.04
C ARG A 98 -1.25 -0.95 -36.74
N LEU A 99 -0.11 -0.34 -36.41
CA LEU A 99 0.65 -0.70 -35.22
C LEU A 99 0.98 0.56 -34.44
N GLU A 100 0.35 0.70 -33.28
CA GLU A 100 0.59 1.86 -32.43
C GLU A 100 1.42 1.46 -31.21
N VAL A 101 2.41 2.26 -30.87
CA VAL A 101 3.29 2.00 -29.73
C VAL A 101 3.01 3.02 -28.65
N VAL A 102 2.26 2.62 -27.63
CA VAL A 102 1.75 3.55 -26.63
C VAL A 102 2.49 3.42 -25.29
N THR A 103 2.33 4.45 -24.45
CA THR A 103 2.91 4.48 -23.10
C THR A 103 2.30 5.56 -22.23
N GLU A 104 2.77 5.66 -20.99
CA GLU A 104 2.31 6.68 -20.04
C GLU A 104 0.80 6.73 -19.82
N GLY A 105 0.19 5.55 -19.63
CA GLY A 105 -1.23 5.45 -19.34
C GLY A 105 -2.14 5.57 -20.53
N VAL A 106 -1.57 5.73 -21.73
CA VAL A 106 -2.37 5.89 -22.94
C VAL A 106 -3.26 4.66 -23.19
N LEU A 107 -2.70 3.47 -23.01
CA LEU A 107 -3.48 2.25 -23.22
C LEU A 107 -4.71 2.25 -22.30
N THR A 108 -4.51 2.70 -21.08
CA THR A 108 -5.63 2.79 -20.14
C THR A 108 -6.72 3.73 -20.65
N ARG A 109 -6.35 4.90 -21.15
CA ARG A 109 -7.31 5.85 -21.75
C ARG A 109 -8.11 5.24 -22.90
N MET A 110 -7.42 4.57 -23.82
CA MET A 110 -8.03 3.94 -24.98
C MET A 110 -9.11 2.91 -24.60
N ILE A 111 -8.80 2.07 -23.62
CA ILE A 111 -9.75 1.05 -23.17
C ILE A 111 -10.93 1.68 -22.41
N GLN A 112 -10.68 2.77 -21.69
CA GLN A 112 -11.73 3.45 -20.96
C GLN A 112 -12.74 4.06 -21.90
N ARG A 113 -12.24 4.62 -23.00
CA ARG A 113 -13.11 5.27 -23.98
C ARG A 113 -13.80 4.25 -24.88
N ASP A 114 -13.05 3.25 -25.32
CA ASP A 114 -13.59 2.20 -26.17
C ASP A 114 -13.34 0.84 -25.57
N PRO A 115 -14.26 0.42 -24.68
CA PRO A 115 -14.16 -0.84 -23.92
C PRO A 115 -14.23 -2.11 -24.78
N GLU A 116 -14.58 -1.97 -26.06
CA GLU A 116 -14.56 -3.11 -26.95
C GLU A 116 -13.41 -2.99 -27.95
N LEU A 117 -12.66 -1.88 -27.84
CA LEU A 117 -11.48 -1.62 -28.68
C LEU A 117 -11.70 -1.95 -30.16
N SER A 118 -12.70 -1.29 -30.75
CA SER A 118 -13.14 -1.56 -32.12
C SER A 118 -11.99 -1.48 -33.13
N GLY A 119 -11.93 -2.47 -34.03
CA GLY A 119 -10.88 -2.53 -35.02
C GLY A 119 -9.61 -3.22 -34.53
N VAL A 120 -9.35 -3.17 -33.23
CA VAL A 120 -8.16 -3.78 -32.64
C VAL A 120 -8.33 -5.29 -32.51
N GLY A 121 -7.31 -6.05 -32.92
CA GLY A 121 -7.34 -7.50 -32.83
C GLY A 121 -6.30 -8.11 -31.90
N LEU A 122 -5.16 -7.46 -31.79
CA LEU A 122 -4.10 -7.95 -30.92
C LEU A 122 -3.45 -6.84 -30.12
N VAL A 123 -3.32 -7.06 -28.82
CA VAL A 123 -2.58 -6.13 -27.97
C VAL A 123 -1.33 -6.82 -27.43
N ILE A 124 -0.21 -6.11 -27.46
CA ILE A 124 1.06 -6.62 -26.95
C ILE A 124 1.56 -5.81 -25.75
N LEU A 125 1.76 -6.50 -24.63
CA LEU A 125 2.29 -5.89 -23.41
C LEU A 125 3.78 -6.21 -23.28
N ASP A 126 4.61 -5.22 -23.60
CA ASP A 126 6.05 -5.45 -23.65
C ASP A 126 6.71 -5.17 -22.31
N GLU A 127 7.90 -5.76 -22.10
CA GLU A 127 8.66 -5.64 -20.86
C GLU A 127 7.78 -5.94 -19.64
N PHE A 128 6.98 -7.00 -19.74
CA PHE A 128 6.02 -7.31 -18.68
C PHE A 128 6.68 -7.71 -17.36
N HIS A 129 7.90 -8.22 -17.43
CA HIS A 129 8.63 -8.66 -16.25
C HIS A 129 8.89 -7.52 -15.25
N GLU A 130 8.76 -6.28 -15.70
CA GLU A 130 9.00 -5.11 -14.84
C GLU A 130 7.85 -4.89 -13.88
N ARG A 131 6.74 -5.54 -14.17
CA ARG A 131 5.54 -5.54 -13.35
C ARG A 131 5.12 -4.16 -12.92
N SER A 132 5.02 -3.27 -13.91
CA SER A 132 4.52 -1.93 -13.66
C SER A 132 3.03 -2.02 -13.29
N LEU A 133 2.60 -1.06 -12.49
CA LEU A 133 1.19 -0.87 -12.17
C LEU A 133 0.42 -0.62 -13.45
N GLN A 134 1.05 0.10 -14.37
CA GLN A 134 0.44 0.42 -15.64
C GLN A 134 0.14 -0.83 -16.44
N ALA A 135 1.11 -1.73 -16.55
CA ALA A 135 0.90 -2.93 -17.37
C ALA A 135 0.00 -3.96 -16.69
N ASP A 136 0.00 -3.97 -15.35
CA ASP A 136 -0.91 -4.82 -14.60
C ASP A 136 -2.35 -4.38 -14.84
N LEU A 137 -2.57 -3.08 -14.74
CA LEU A 137 -3.90 -2.53 -14.97
C LEU A 137 -4.33 -2.81 -16.41
N ALA A 138 -3.45 -2.59 -17.39
CA ALA A 138 -3.75 -2.96 -18.78
C ALA A 138 -4.13 -4.44 -18.92
N LEU A 139 -3.37 -5.32 -18.28
CA LEU A 139 -3.67 -6.74 -18.33
C LEU A 139 -5.07 -7.08 -17.80
N ALA A 140 -5.43 -6.52 -16.65
CA ALA A 140 -6.74 -6.75 -16.03
C ALA A 140 -7.91 -6.27 -16.89
N LEU A 141 -7.76 -5.09 -17.49
CA LEU A 141 -8.79 -4.54 -18.37
C LEU A 141 -8.95 -5.40 -19.61
N LEU A 142 -7.83 -5.75 -20.22
CA LEU A 142 -7.85 -6.55 -21.44
C LEU A 142 -8.42 -7.96 -21.24
N LEU A 143 -8.22 -8.53 -20.06
CA LEU A 143 -8.82 -9.83 -19.75
C LEU A 143 -10.34 -9.68 -19.55
N ASP A 144 -10.80 -8.49 -19.20
CA ASP A 144 -12.22 -8.26 -19.06
C ASP A 144 -12.86 -7.97 -20.42
N VAL A 145 -12.16 -7.22 -21.27
CA VAL A 145 -12.60 -7.01 -22.63
C VAL A 145 -12.76 -8.34 -23.36
N GLN A 146 -11.87 -9.30 -23.05
CA GLN A 146 -11.89 -10.61 -23.67
C GLN A 146 -13.00 -11.56 -23.17
N GLN A 147 -13.60 -11.22 -22.03
CA GLN A 147 -14.68 -12.02 -21.48
C GLN A 147 -16.04 -11.43 -21.88
N GLY A 148 -16.03 -10.29 -22.57
CA GLY A 148 -17.24 -9.66 -23.11
C GLY A 148 -17.57 -10.20 -24.49
N LEU A 149 -17.82 -9.31 -25.45
CA LEU A 149 -17.98 -9.75 -26.84
C LEU A 149 -16.66 -10.15 -27.46
N ARG A 150 -15.61 -9.41 -27.12
CA ARG A 150 -14.34 -9.53 -27.81
C ARG A 150 -13.60 -10.83 -27.50
N ASP A 151 -14.17 -11.96 -27.92
CA ASP A 151 -13.53 -13.26 -27.75
C ASP A 151 -12.61 -13.57 -28.93
N ASP A 152 -12.39 -12.55 -29.76
CA ASP A 152 -11.52 -12.63 -30.94
C ASP A 152 -10.26 -11.82 -30.72
N LEU A 153 -10.31 -10.93 -29.72
CA LEU A 153 -9.19 -10.06 -29.37
C LEU A 153 -8.03 -10.85 -28.75
N LYS A 154 -6.96 -11.03 -29.51
CA LYS A 154 -5.82 -11.81 -29.04
C LYS A 154 -4.93 -10.97 -28.14
N LEU A 155 -3.99 -11.61 -27.45
CA LEU A 155 -3.17 -10.92 -26.46
C LEU A 155 -1.77 -11.51 -26.31
N LEU A 156 -0.76 -10.71 -26.63
CA LEU A 156 0.63 -11.17 -26.50
C LEU A 156 1.38 -10.51 -25.35
N ILE A 157 1.79 -11.30 -24.37
CA ILE A 157 2.55 -10.77 -23.27
C ILE A 157 4.01 -11.16 -23.43
N MET A 158 4.87 -10.15 -23.53
CA MET A 158 6.29 -10.35 -23.74
C MET A 158 7.08 -10.05 -22.49
N SER A 159 7.84 -11.04 -22.06
CA SER A 159 8.70 -10.90 -20.90
C SER A 159 10.14 -11.19 -21.33
N ALA A 160 11.10 -10.51 -20.73
CA ALA A 160 12.50 -10.72 -21.06
C ALA A 160 13.17 -11.73 -20.13
N THR A 161 12.47 -12.13 -19.06
CA THR A 161 13.04 -13.07 -18.10
C THR A 161 12.54 -14.46 -18.42
N LEU A 162 13.41 -15.45 -18.20
CA LEU A 162 13.19 -16.80 -18.67
C LEU A 162 11.83 -17.31 -18.25
N ASP A 163 11.61 -17.57 -16.97
CA ASP A 163 10.29 -18.03 -16.58
C ASP A 163 9.48 -17.06 -15.71
N ASN A 164 8.20 -17.00 -15.96
CA ASN A 164 7.35 -16.06 -15.26
C ASN A 164 6.22 -16.94 -14.87
N ASP A 165 6.38 -17.67 -13.78
CA ASP A 165 5.33 -18.63 -13.46
C ASP A 165 4.28 -18.32 -12.38
N ARG A 166 4.11 -17.04 -11.96
CA ARG A 166 2.87 -16.73 -11.28
C ARG A 166 1.87 -16.27 -12.34
N LEU A 167 2.34 -16.13 -13.58
CA LEU A 167 1.51 -15.70 -14.72
C LEU A 167 0.69 -16.87 -15.31
N GLN A 168 1.29 -18.04 -15.46
CA GLN A 168 0.51 -19.19 -15.93
C GLN A 168 -0.37 -19.74 -14.82
N GLN A 169 -0.02 -19.45 -13.57
CA GLN A 169 -0.91 -19.80 -12.47
C GLN A 169 -2.19 -18.98 -12.58
N MET A 170 -2.08 -17.77 -13.13
CA MET A 170 -3.26 -16.98 -13.46
C MET A 170 -3.85 -17.44 -14.80
N LEU A 171 -2.96 -17.83 -15.72
CA LEU A 171 -3.37 -18.22 -17.07
C LEU A 171 -2.84 -19.61 -17.47
N PRO A 172 -3.42 -20.68 -16.91
CA PRO A 172 -2.96 -22.03 -17.26
C PRO A 172 -3.25 -22.43 -18.71
N GLU A 173 -4.23 -21.77 -19.32
CA GLU A 173 -4.64 -22.04 -20.70
C GLU A 173 -3.73 -21.35 -21.70
N ALA A 174 -2.73 -20.63 -21.19
CA ALA A 174 -1.94 -19.76 -22.03
C ALA A 174 -0.64 -20.42 -22.48
N PRO A 175 -0.47 -20.55 -23.81
CA PRO A 175 0.73 -21.12 -24.42
C PRO A 175 1.97 -20.31 -24.09
N VAL A 176 2.96 -20.96 -23.49
CA VAL A 176 4.23 -20.31 -23.21
C VAL A 176 5.20 -20.56 -24.37
N VAL A 177 5.73 -19.48 -24.94
CA VAL A 177 6.59 -19.57 -26.10
C VAL A 177 7.96 -18.99 -25.76
N ILE A 178 8.98 -19.84 -25.72
CA ILE A 178 10.29 -19.41 -25.22
C ILE A 178 11.36 -19.25 -26.28
N SER A 179 11.90 -18.06 -26.38
CA SER A 179 13.10 -17.82 -27.16
C SER A 179 14.27 -17.63 -26.20
N GLU A 180 15.33 -18.41 -26.36
CA GLU A 180 16.50 -18.18 -25.54
C GLU A 180 17.77 -18.33 -26.36
N GLY A 181 18.78 -17.57 -25.96
CA GLY A 181 20.08 -17.64 -26.59
C GLY A 181 21.05 -18.38 -25.71
N ARG A 182 22.34 -18.26 -26.02
CA ARG A 182 23.37 -18.91 -25.25
C ARG A 182 23.57 -18.17 -23.93
N SER A 183 23.36 -18.87 -22.84
CA SER A 183 23.61 -18.32 -21.52
C SER A 183 24.66 -19.16 -20.82
N PHE A 184 25.81 -18.55 -20.57
CA PHE A 184 26.96 -19.27 -20.06
C PHE A 184 26.90 -19.37 -18.56
N PRO A 185 27.49 -20.43 -18.00
CA PRO A 185 27.60 -20.49 -16.55
C PRO A 185 28.34 -19.30 -15.96
N VAL A 186 27.82 -18.83 -14.84
CA VAL A 186 28.44 -17.75 -14.11
C VAL A 186 28.71 -18.17 -12.67
N GLU A 187 29.97 -18.09 -12.26
CA GLU A 187 30.30 -18.40 -10.89
C GLU A 187 29.81 -17.28 -9.99
N ARG A 188 29.17 -17.62 -8.88
CA ARG A 188 28.57 -16.65 -7.97
C ARG A 188 29.37 -16.53 -6.68
N ARG A 189 29.82 -15.32 -6.37
CA ARG A 189 30.62 -15.07 -5.16
C ARG A 189 29.94 -14.02 -4.28
N TYR A 190 30.29 -14.00 -3.00
CA TYR A 190 29.63 -13.13 -2.04
C TYR A 190 30.66 -12.47 -1.18
N LEU A 191 30.39 -11.21 -0.81
CA LEU A 191 31.31 -10.36 -0.08
C LEU A 191 30.52 -9.27 0.61
N PRO A 192 30.29 -9.41 1.91
CA PRO A 192 29.58 -8.35 2.62
C PRO A 192 30.43 -7.11 2.69
N LEU A 193 29.83 -5.92 2.68
CA LEU A 193 30.60 -4.67 2.83
C LEU A 193 30.77 -4.38 4.32
N PRO A 194 31.98 -3.95 4.71
CA PRO A 194 32.18 -3.67 6.15
C PRO A 194 31.37 -2.48 6.64
N ALA A 195 30.91 -2.58 7.90
CA ALA A 195 30.13 -1.54 8.56
C ALA A 195 30.95 -0.25 8.82
N HIS A 196 32.27 -0.36 8.85
CA HIS A 196 33.14 0.79 9.10
C HIS A 196 33.67 1.49 7.83
N GLN A 197 33.11 1.16 6.67
CA GLN A 197 33.46 1.85 5.43
CA GLN A 197 33.45 1.80 5.40
C GLN A 197 32.21 2.44 4.79
N ARG A 198 32.38 3.58 4.11
CA ARG A 198 31.30 4.16 3.33
C ARG A 198 30.87 3.19 2.23
N PHE A 199 29.63 3.33 1.75
CA PHE A 199 29.17 2.49 0.65
C PHE A 199 30.07 2.66 -0.60
N ASP A 200 30.30 3.90 -1.03
CA ASP A 200 31.02 4.13 -2.29
C ASP A 200 32.48 3.66 -2.23
N ASP A 201 33.16 3.86 -1.11
CA ASP A 201 34.51 3.33 -0.92
C ASP A 201 34.52 1.80 -0.95
N ALA A 202 33.57 1.20 -0.24
CA ALA A 202 33.52 -0.24 -0.14
C ALA A 202 33.27 -0.84 -1.52
N VAL A 203 32.35 -0.27 -2.29
CA VAL A 203 32.06 -0.83 -3.60
C VAL A 203 33.29 -0.69 -4.51
N ALA A 204 33.98 0.44 -4.42
CA ALA A 204 35.13 0.69 -5.28
C ALA A 204 36.25 -0.25 -4.95
N VAL A 205 36.42 -0.54 -3.67
CA VAL A 205 37.49 -1.44 -3.27
C VAL A 205 37.19 -2.85 -3.73
N ALA A 206 35.95 -3.30 -3.57
CA ALA A 206 35.56 -4.63 -4.01
C ALA A 206 35.74 -4.75 -5.52
N THR A 207 35.36 -3.71 -6.25
CA THR A 207 35.39 -3.70 -7.72
C THR A 207 36.83 -3.69 -8.26
N ALA A 208 37.70 -2.88 -7.65
CA ALA A 208 39.09 -2.82 -8.07
C ALA A 208 39.77 -4.15 -7.83
N GLU A 209 39.35 -4.84 -6.78
CA GLU A 209 39.93 -6.14 -6.47
C GLU A 209 39.47 -7.19 -7.47
N MET A 210 38.23 -7.13 -7.92
CA MET A 210 37.77 -8.02 -8.97
C MET A 210 38.54 -7.83 -10.29
N LEU A 211 38.80 -6.57 -10.61
CA LEU A 211 39.55 -6.20 -11.80
C LEU A 211 40.97 -6.74 -11.71
N ARG A 212 41.50 -6.81 -10.50
CA ARG A 212 42.87 -7.23 -10.30
C ARG A 212 43.01 -8.75 -10.44
N GLN A 213 42.00 -9.48 -10.02
CA GLN A 213 42.12 -10.94 -10.01
C GLN A 213 41.55 -11.56 -11.27
N GLU A 214 40.64 -10.86 -11.93
CA GLU A 214 39.87 -11.49 -12.99
C GLU A 214 40.02 -10.72 -14.28
N SER A 215 39.88 -11.44 -15.38
CA SER A 215 39.99 -10.89 -16.72
C SER A 215 38.62 -10.44 -17.22
N GLY A 216 38.59 -9.35 -17.99
CA GLY A 216 37.37 -8.97 -18.70
C GLY A 216 36.77 -7.63 -18.33
N SER A 217 35.72 -7.25 -19.04
CA SER A 217 34.99 -6.04 -18.70
C SER A 217 33.93 -6.38 -17.67
N LEU A 218 33.54 -5.35 -16.94
CA LEU A 218 32.82 -5.52 -15.70
C LEU A 218 31.59 -4.62 -15.67
N LEU A 219 30.46 -5.20 -15.25
CA LEU A 219 29.21 -4.46 -15.10
C LEU A 219 28.85 -4.35 -13.62
N LEU A 220 28.75 -3.11 -13.16
CA LEU A 220 28.50 -2.82 -11.75
C LEU A 220 27.10 -2.25 -11.57
N PHE A 221 26.25 -2.95 -10.83
CA PHE A 221 24.88 -2.49 -10.55
C PHE A 221 24.86 -1.66 -9.29
N LEU A 222 24.30 -0.46 -9.37
CA LEU A 222 24.18 0.47 -8.24
C LEU A 222 22.73 0.96 -8.12
N PRO A 223 22.36 1.55 -6.96
CA PRO A 223 20.95 1.94 -6.76
C PRO A 223 20.50 3.14 -7.62
N GLY A 224 21.37 4.13 -7.82
CA GLY A 224 21.00 5.29 -8.58
C GLY A 224 22.16 6.16 -9.04
N VAL A 225 21.82 7.23 -9.74
CA VAL A 225 22.80 8.13 -10.33
C VAL A 225 23.81 8.69 -9.35
N GLY A 226 23.34 9.14 -8.20
CA GLY A 226 24.25 9.63 -7.19
C GLY A 226 25.30 8.60 -6.81
N GLU A 227 24.90 7.33 -6.61
CA GLU A 227 25.84 6.29 -6.23
C GLU A 227 26.78 5.99 -7.38
N ILE A 228 26.25 5.98 -8.60
CA ILE A 228 27.10 5.86 -9.78
C ILE A 228 28.21 6.92 -9.81
N GLN A 229 27.88 8.17 -9.52
CA GLN A 229 28.87 9.24 -9.56
C GLN A 229 29.92 9.07 -8.47
N ARG A 230 29.47 8.79 -7.26
CA ARG A 230 30.38 8.69 -6.12
C ARG A 230 31.33 7.49 -6.23
N VAL A 231 30.80 6.34 -6.67
CA VAL A 231 31.64 5.16 -6.80
C VAL A 231 32.63 5.39 -7.93
N GLN A 232 32.17 6.08 -8.96
CA GLN A 232 33.02 6.39 -10.10
C GLN A 232 34.26 7.17 -9.66
N GLU A 233 34.05 8.19 -8.84
CA GLU A 233 35.15 8.98 -8.31
C GLU A 233 36.10 8.12 -7.46
N GLN A 234 35.54 7.25 -6.61
CA GLN A 234 36.37 6.40 -5.77
C GLN A 234 37.11 5.36 -6.59
N LEU A 235 36.47 4.90 -7.65
CA LEU A 235 37.05 3.90 -8.54
C LEU A 235 38.26 4.49 -9.29
N ALA A 236 38.12 5.73 -9.69
CA ALA A 236 39.10 6.47 -10.48
C ALA A 236 40.55 6.46 -9.93
N SER A 237 40.69 6.38 -8.61
CA SER A 237 42.00 6.39 -7.97
C SER A 237 42.55 4.99 -7.67
N ARG A 238 41.73 3.98 -7.94
CA ARG A 238 42.07 2.61 -7.57
C ARG A 238 42.23 1.69 -8.78
N ILE A 239 42.08 2.25 -9.98
CA ILE A 239 42.15 1.43 -11.20
C ILE A 239 43.39 1.70 -12.02
N GLY A 240 43.73 0.73 -12.87
CA GLY A 240 44.84 0.87 -13.79
C GLY A 240 44.53 1.76 -14.97
N SER A 241 45.56 2.03 -15.78
CA SER A 241 45.46 2.97 -16.89
C SER A 241 44.64 2.39 -18.03
N ASP A 242 44.49 1.07 -18.03
CA ASP A 242 43.76 0.37 -19.08
C ASP A 242 42.25 0.34 -18.82
N VAL A 243 41.83 0.76 -17.62
CA VAL A 243 40.42 0.67 -17.27
C VAL A 243 39.66 1.95 -17.61
N LEU A 244 38.68 1.80 -18.48
CA LEU A 244 37.80 2.86 -18.91
C LEU A 244 36.48 2.85 -18.13
N LEU A 245 36.21 3.94 -17.41
CA LEU A 245 34.98 4.06 -16.63
C LEU A 245 33.83 4.62 -17.45
N CYS A 246 32.71 3.91 -17.44
CA CYS A 246 31.55 4.25 -18.25
C CYS A 246 30.27 4.24 -17.47
N PRO A 247 29.88 5.39 -16.90
CA PRO A 247 28.56 5.52 -16.27
C PRO A 247 27.44 5.29 -17.28
N LEU A 248 26.28 4.89 -16.80
CA LEU A 248 25.15 4.63 -17.68
C LEU A 248 23.84 4.97 -16.99
N TYR A 249 23.36 6.17 -17.28
CA TYR A 249 22.02 6.59 -16.93
C TYR A 249 21.39 7.38 -18.07
N GLY A 250 20.06 7.40 -18.12
CA GLY A 250 19.32 8.08 -19.18
C GLY A 250 19.71 9.52 -19.46
N ALA A 251 20.15 10.22 -18.43
CA ALA A 251 20.46 11.64 -18.54
C ALA A 251 21.87 11.90 -19.09
N LEU A 252 22.45 10.90 -19.74
CA LEU A 252 23.85 10.98 -20.14
C LEU A 252 24.08 11.54 -21.55
N SER A 253 25.32 11.40 -22.00
CA SER A 253 25.83 12.17 -23.12
C SER A 253 25.65 11.53 -24.49
N LEU A 254 24.54 10.84 -24.72
CA LEU A 254 24.25 10.25 -26.03
C LEU A 254 25.28 9.20 -26.45
N ASN A 255 26.54 9.64 -26.57
CA ASN A 255 27.64 8.77 -26.98
C ASN A 255 28.26 8.03 -25.79
N ASP A 256 28.14 8.64 -24.60
CA ASP A 256 28.55 8.00 -23.37
C ASP A 256 27.70 6.75 -23.12
N GLN A 257 26.45 6.81 -23.55
CA GLN A 257 25.57 5.66 -23.53
C GLN A 257 26.08 4.56 -24.48
N ARG A 258 26.67 4.98 -25.60
CA ARG A 258 27.21 4.05 -26.59
C ARG A 258 28.55 3.50 -26.14
N LYS A 259 29.36 4.37 -25.53
CA LYS A 259 30.65 3.96 -25.00
C LYS A 259 30.48 2.89 -23.91
N ALA A 260 29.45 3.04 -23.09
CA ALA A 260 29.10 2.03 -22.10
C ALA A 260 28.52 0.75 -22.71
N ILE A 261 27.71 0.84 -23.77
CA ILE A 261 27.06 -0.37 -24.30
C ILE A 261 27.99 -1.14 -25.20
N LEU A 262 28.78 -0.42 -26.00
CA LEU A 262 29.70 -1.04 -26.95
C LEU A 262 30.93 -1.61 -26.28
N PRO A 263 31.49 -2.69 -26.84
CA PRO A 263 32.70 -3.29 -26.30
C PRO A 263 33.82 -2.27 -26.10
N ALA A 264 34.60 -2.45 -25.03
CA ALA A 264 35.78 -1.65 -24.78
C ALA A 264 36.69 -1.63 -26.00
N PRO A 265 37.32 -0.48 -26.26
CA PRO A 265 38.32 -0.37 -27.33
C PRO A 265 39.45 -1.39 -27.18
N GLN A 266 40.15 -1.68 -28.27
CA GLN A 266 41.22 -2.68 -28.23
C GLN A 266 42.29 -2.27 -27.22
N GLY A 267 42.74 -3.24 -26.42
CA GLY A 267 43.79 -3.01 -25.45
C GLY A 267 43.27 -2.59 -24.08
N MET A 268 41.98 -2.31 -24.00
CA MET A 268 41.42 -1.83 -22.75
C MET A 268 40.19 -2.61 -22.29
N ARG A 269 39.81 -2.40 -21.05
CA ARG A 269 38.63 -3.03 -20.47
C ARG A 269 37.76 -1.94 -19.89
N LYS A 270 36.46 -2.18 -19.77
CA LYS A 270 35.56 -1.16 -19.23
C LYS A 270 34.83 -1.60 -17.97
N VAL A 271 34.58 -0.64 -17.09
CA VAL A 271 33.66 -0.81 -16.00
C VAL A 271 32.41 -0.01 -16.30
N VAL A 272 31.28 -0.69 -16.44
CA VAL A 272 30.04 -0.01 -16.68
C VAL A 272 29.30 0.10 -15.36
N LEU A 273 29.02 1.34 -14.96
CA LEU A 273 28.31 1.61 -13.73
C LEU A 273 26.86 1.93 -14.11
N ALA A 274 25.94 1.07 -13.72
CA ALA A 274 24.57 1.19 -14.19
C ALA A 274 23.57 0.97 -13.07
N THR A 275 22.34 1.45 -13.29
CA THR A 275 21.19 1.10 -12.46
C THR A 275 20.57 -0.18 -13.02
N ASN A 276 19.51 -0.68 -12.39
CA ASN A 276 18.93 -1.96 -12.84
C ASN A 276 18.25 -1.93 -14.21
N ILE A 277 18.36 -0.81 -14.92
CA ILE A 277 17.93 -0.81 -16.32
C ILE A 277 18.83 -1.76 -17.14
N ALA A 278 20.01 -2.08 -16.61
CA ALA A 278 20.90 -2.99 -17.30
C ALA A 278 20.56 -4.46 -16.96
N GLU A 279 19.63 -4.64 -16.04
CA GLU A 279 19.29 -5.97 -15.55
C GLU A 279 18.56 -6.81 -16.59
N THR A 280 17.64 -6.21 -17.34
CA THR A 280 16.83 -6.94 -18.31
C THR A 280 16.58 -6.13 -19.59
N SER A 281 16.40 -4.82 -19.45
CA SER A 281 15.95 -3.97 -20.55
C SER A 281 17.06 -3.53 -21.50
N LEU A 282 18.27 -3.50 -21.00
CA LEU A 282 19.40 -3.00 -21.77
C LEU A 282 20.48 -4.08 -21.86
N THR A 283 21.05 -4.22 -23.04
CA THR A 283 22.11 -5.19 -23.25
C THR A 283 23.46 -4.51 -23.36
N ILE A 284 24.30 -4.72 -22.36
CA ILE A 284 25.66 -4.20 -22.35
C ILE A 284 26.60 -5.31 -22.86
N GLU A 285 27.38 -4.97 -23.88
CA GLU A 285 28.22 -5.97 -24.52
C GLU A 285 29.64 -6.04 -23.94
N GLY A 286 30.31 -7.16 -24.19
CA GLY A 286 31.70 -7.38 -23.81
C GLY A 286 31.89 -7.71 -22.34
N ILE A 287 30.79 -8.03 -21.65
CA ILE A 287 30.82 -8.22 -20.20
C ILE A 287 30.99 -9.68 -19.83
N ARG A 288 31.92 -9.99 -18.93
CA ARG A 288 31.99 -11.33 -18.31
C ARG A 288 32.15 -11.26 -16.78
N LEU A 289 32.24 -10.05 -16.24
CA LEU A 289 32.27 -9.82 -14.78
C LEU A 289 31.10 -8.92 -14.36
N VAL A 290 30.37 -9.33 -13.32
CA VAL A 290 29.37 -8.48 -12.73
C VAL A 290 29.69 -8.21 -11.24
N VAL A 291 29.49 -6.97 -10.82
CA VAL A 291 29.49 -6.66 -9.41
C VAL A 291 28.14 -6.09 -9.07
N ASP A 292 27.47 -6.76 -8.16
CA ASP A 292 26.09 -6.46 -7.79
C ASP A 292 26.01 -6.00 -6.33
N CYS A 293 25.69 -4.72 -6.14
CA CYS A 293 25.59 -4.17 -4.79
C CYS A 293 24.39 -4.77 -4.03
N ALA A 294 23.50 -5.42 -4.77
CA ALA A 294 22.28 -6.07 -4.26
C ALA A 294 21.29 -5.12 -3.58
N GLN A 295 21.33 -3.84 -3.95
CA GLN A 295 20.42 -2.83 -3.38
C GLN A 295 19.70 -2.03 -4.44
N GLU A 296 18.37 -2.07 -4.38
CA GLU A 296 17.49 -1.37 -5.30
C GLU A 296 16.98 -0.08 -4.68
N ARG A 297 16.54 0.85 -5.53
CA ARG A 297 15.80 2.01 -5.06
C ARG A 297 14.36 1.95 -5.59
N VAL A 298 13.39 1.79 -4.69
CA VAL A 298 11.99 1.70 -5.11
C VAL A 298 11.07 2.72 -4.44
N ALA A 299 10.01 3.08 -5.16
CA ALA A 299 8.94 3.93 -4.66
C ALA A 299 8.08 3.19 -3.66
N ARG A 300 7.85 3.79 -2.50
CA ARG A 300 7.02 3.16 -1.49
C ARG A 300 5.92 4.09 -0.99
N PHE A 301 4.67 3.64 -1.12
CA PHE A 301 3.53 4.38 -0.61
C PHE A 301 3.40 4.15 0.88
N ASP A 302 3.24 5.24 1.63
CA ASP A 302 2.99 5.21 3.07
C ASP A 302 1.55 5.61 3.37
N PRO A 303 0.69 4.64 3.69
CA PRO A 303 -0.73 4.92 3.94
C PRO A 303 -0.98 5.87 5.08
N ARG A 304 -0.06 5.98 6.03
CA ARG A 304 -0.28 6.85 7.18
C ARG A 304 0.01 8.31 6.84
N THR A 305 0.87 8.54 5.86
CA THR A 305 1.18 9.91 5.44
C THR A 305 0.54 10.27 4.10
N GLY A 306 0.08 9.27 3.36
CA GLY A 306 -0.33 9.46 1.98
C GLY A 306 0.80 9.86 1.06
N LEU A 307 2.05 9.70 1.50
CA LEU A 307 3.18 10.10 0.67
C LEU A 307 3.87 8.88 0.05
N THR A 308 4.42 9.10 -1.13
CA THR A 308 5.26 8.10 -1.75
C THR A 308 6.72 8.53 -1.61
N ARG A 309 7.55 7.63 -1.11
CA ARG A 309 8.98 7.90 -0.96
C ARG A 309 9.82 6.94 -1.79
N LEU A 310 11.05 7.34 -2.08
CA LEU A 310 12.06 6.43 -2.61
C LEU A 310 12.81 5.80 -1.45
N ILE A 311 12.65 4.49 -1.28
CA ILE A 311 13.49 3.75 -0.33
C ILE A 311 14.54 2.88 -1.06
N THR A 312 15.55 2.51 -0.32
CA THR A 312 16.55 1.58 -0.81
C THR A 312 16.33 0.28 -0.07
N GLN A 313 16.38 -0.82 -0.80
CA GLN A 313 16.15 -2.13 -0.21
C GLN A 313 16.93 -3.24 -0.92
N ARG A 314 17.03 -4.38 -0.25
CA ARG A 314 17.68 -5.57 -0.83
C ARG A 314 16.95 -6.03 -2.04
N VAL A 315 17.74 -6.41 -3.03
CA VAL A 315 17.25 -6.94 -4.29
C VAL A 315 16.82 -8.40 -4.05
N SER A 316 15.85 -8.89 -4.82
CA SER A 316 15.40 -10.27 -4.64
C SER A 316 16.38 -11.30 -5.23
N GLN A 317 16.21 -12.55 -4.85
CA GLN A 317 17.01 -13.62 -5.42
C GLN A 317 16.85 -13.70 -6.94
N ALA A 318 15.62 -13.56 -7.43
CA ALA A 318 15.40 -13.63 -8.87
C ALA A 318 16.19 -12.53 -9.61
N SER A 319 16.19 -11.31 -9.07
CA SER A 319 16.95 -10.28 -9.79
C SER A 319 18.45 -10.35 -9.52
N MET A 320 18.85 -10.86 -8.36
CA MET A 320 20.28 -11.10 -8.18
C MET A 320 20.77 -12.12 -9.21
N THR A 321 19.93 -13.11 -9.48
CA THR A 321 20.24 -14.13 -10.47
C THR A 321 20.18 -13.56 -11.88
N GLN A 322 19.20 -12.71 -12.15
CA GLN A 322 19.13 -12.05 -13.45
C GLN A 322 20.38 -11.17 -13.65
N ARG A 323 20.82 -10.48 -12.60
CA ARG A 323 22.01 -9.64 -12.65
C ARG A 323 23.27 -10.46 -12.89
N ALA A 324 23.38 -11.61 -12.23
CA ALA A 324 24.51 -12.51 -12.42
C ALA A 324 24.59 -12.99 -13.87
N GLY A 325 23.43 -13.26 -14.47
CA GLY A 325 23.37 -13.79 -15.83
C GLY A 325 23.82 -12.78 -16.86
N ARG A 326 23.92 -11.51 -16.47
CA ARG A 326 24.47 -10.48 -17.35
C ARG A 326 26.00 -10.66 -17.52
N ALA A 327 26.61 -11.51 -16.69
CA ALA A 327 28.02 -11.86 -16.86
C ALA A 327 28.20 -13.11 -17.74
N GLY A 328 27.12 -13.61 -18.32
CA GLY A 328 27.15 -14.90 -18.97
C GLY A 328 26.59 -14.91 -20.38
N ARG A 329 26.58 -13.74 -21.04
CA ARG A 329 26.06 -13.66 -22.40
C ARG A 329 27.16 -13.90 -23.43
N LEU A 330 28.41 -13.63 -23.02
CA LEU A 330 29.55 -13.71 -23.94
C LEU A 330 30.34 -15.02 -23.83
N GLU A 331 30.61 -15.42 -22.60
CA GLU A 331 31.51 -16.52 -22.27
C GLU A 331 31.21 -16.83 -20.81
N PRO A 332 31.77 -17.93 -20.26
CA PRO A 332 31.66 -18.18 -18.82
C PRO A 332 32.17 -16.99 -18.02
N GLY A 333 31.39 -16.58 -17.03
CA GLY A 333 31.63 -15.35 -16.32
C GLY A 333 31.63 -15.52 -14.83
N ILE A 334 31.69 -14.39 -14.14
CA ILE A 334 31.79 -14.33 -12.69
C ILE A 334 30.92 -13.19 -12.18
N SER A 335 30.15 -13.45 -11.13
CA SER A 335 29.31 -12.44 -10.51
C SER A 335 29.64 -12.34 -9.02
N LEU A 336 29.93 -11.12 -8.57
CA LEU A 336 30.20 -10.86 -7.16
C LEU A 336 29.06 -10.04 -6.51
N HIS A 337 28.38 -10.63 -5.54
CA HIS A 337 27.30 -9.94 -4.86
C HIS A 337 27.78 -9.35 -3.54
N LEU A 338 27.60 -8.05 -3.35
CA LEU A 338 28.12 -7.35 -2.17
C LEU A 338 27.25 -7.49 -0.91
N ILE A 339 26.85 -8.72 -0.63
CA ILE A 339 26.24 -9.10 0.63
C ILE A 339 26.76 -10.48 1.01
N ALA A 340 26.61 -10.84 2.28
CA ALA A 340 26.95 -12.19 2.71
C ALA A 340 26.05 -13.21 2.01
N LYS A 341 26.58 -14.42 1.77
CA LYS A 341 25.79 -15.46 1.09
C LYS A 341 24.48 -15.81 1.84
N GLU A 342 24.56 -15.94 3.16
CA GLU A 342 23.39 -16.32 3.95
C GLU A 342 22.28 -15.25 3.91
N GLN A 343 22.66 -13.99 3.73
CA GLN A 343 21.67 -12.93 3.54
C GLN A 343 21.04 -13.02 2.16
N ALA A 344 21.84 -13.41 1.17
CA ALA A 344 21.32 -13.62 -0.16
C ALA A 344 20.30 -14.77 -0.15
N GLU A 345 20.58 -15.80 0.64
CA GLU A 345 19.70 -16.97 0.74
C GLU A 345 18.38 -16.66 1.43
N ARG A 346 18.33 -15.58 2.20
CA ARG A 346 17.12 -15.21 2.95
C ARG A 346 16.40 -14.03 2.29
N ALA A 347 16.96 -13.49 1.22
CA ALA A 347 16.29 -12.43 0.49
C ALA A 347 15.00 -13.01 -0.08
N ALA A 348 13.99 -12.15 -0.26
CA ALA A 348 12.77 -12.52 -0.97
C ALA A 348 13.12 -13.25 -2.27
N ALA A 349 12.32 -14.25 -2.62
CA ALA A 349 12.57 -15.04 -3.83
C ALA A 349 12.34 -14.18 -5.06
N GLN A 350 11.31 -13.36 -5.02
CA GLN A 350 10.84 -12.57 -6.14
C GLN A 350 10.78 -11.09 -5.79
N SER A 351 10.80 -10.23 -6.81
CA SER A 351 10.64 -8.79 -6.60
C SER A 351 9.17 -8.41 -6.31
N GLU A 352 8.98 -7.37 -5.52
CA GLU A 352 7.68 -6.86 -5.19
C GLU A 352 7.13 -6.04 -6.37
N PRO A 353 5.95 -6.43 -6.90
CA PRO A 353 5.28 -5.71 -7.99
C PRO A 353 4.90 -4.30 -7.54
N GLU A 354 4.89 -3.33 -8.46
CA GLU A 354 4.55 -1.92 -8.13
C GLU A 354 3.14 -1.76 -7.52
N ILE A 355 2.20 -2.61 -7.92
CA ILE A 355 0.85 -2.51 -7.37
C ILE A 355 0.80 -2.74 -5.85
N LEU A 356 1.82 -3.39 -5.29
CA LEU A 356 1.83 -3.64 -3.86
C LEU A 356 2.45 -2.51 -3.06
N GLN A 357 3.18 -1.62 -3.72
CA GLN A 357 3.93 -0.62 -2.98
C GLN A 357 3.49 0.83 -3.30
N SER A 358 2.43 0.98 -4.10
CA SER A 358 2.07 2.32 -4.56
C SER A 358 0.67 2.84 -4.18
N ASP A 359 0.57 4.17 -4.21
CA ASP A 359 -0.69 4.92 -4.15
C ASP A 359 -1.71 4.33 -5.12
N LEU A 360 -2.89 3.99 -4.64
CA LEU A 360 -3.86 3.35 -5.51
C LEU A 360 -5.07 4.23 -5.79
N SER A 361 -4.99 5.52 -5.43
CA SER A 361 -6.10 6.42 -5.71
C SER A 361 -6.38 6.53 -7.21
N GLY A 362 -5.34 6.58 -8.05
CA GLY A 362 -5.54 6.58 -9.49
C GLY A 362 -6.16 5.27 -9.99
N LEU A 363 -5.63 4.14 -9.51
CA LEU A 363 -6.13 2.83 -9.89
C LEU A 363 -7.58 2.65 -9.50
N LEU A 364 -7.91 3.09 -8.30
CA LEU A 364 -9.27 2.97 -7.79
C LEU A 364 -10.21 3.81 -8.65
N MET A 365 -9.74 5.00 -9.02
CA MET A 365 -10.48 5.88 -9.89
C MET A 365 -10.71 5.21 -11.25
N GLU A 366 -9.70 4.51 -11.77
CA GLU A 366 -9.85 3.77 -13.04
C GLU A 366 -10.85 2.63 -12.96
N LEU A 367 -10.74 1.80 -11.92
CA LEU A 367 -11.65 0.68 -11.73
C LEU A 367 -13.10 1.13 -11.55
N LEU A 368 -13.33 2.22 -10.80
CA LEU A 368 -14.68 2.76 -10.62
C LEU A 368 -15.27 3.23 -11.96
N GLN A 369 -14.50 4.01 -12.70
CA GLN A 369 -14.88 4.45 -14.06
C GLN A 369 -15.07 3.23 -14.98
N TRP A 370 -14.30 2.18 -14.76
CA TRP A 370 -14.43 0.97 -15.55
C TRP A 370 -15.75 0.25 -15.21
N GLY A 371 -16.27 0.53 -14.02
CA GLY A 371 -17.52 -0.04 -13.60
C GLY A 371 -17.33 -1.10 -12.54
N CYS A 372 -16.09 -1.28 -12.13
CA CYS A 372 -15.73 -2.27 -11.13
C CYS A 372 -16.04 -1.71 -9.74
N SER A 373 -16.86 -2.43 -8.98
CA SER A 373 -17.22 -1.97 -7.64
C SER A 373 -16.21 -2.40 -6.57
N ASP A 374 -15.49 -3.50 -6.83
CA ASP A 374 -14.45 -3.98 -5.92
C ASP A 374 -13.28 -4.59 -6.69
N PRO A 375 -12.04 -4.16 -6.37
CA PRO A 375 -10.88 -4.57 -7.18
C PRO A 375 -10.72 -6.09 -7.30
N ALA A 376 -11.23 -6.84 -6.34
CA ALA A 376 -11.11 -8.30 -6.36
C ALA A 376 -11.83 -8.94 -7.56
N GLN A 377 -12.87 -8.28 -8.08
CA GLN A 377 -13.60 -8.76 -9.25
C GLN A 377 -12.70 -8.98 -10.46
N MET A 378 -11.66 -8.15 -10.59
CA MET A 378 -10.73 -8.24 -11.71
C MET A 378 -9.74 -9.38 -11.49
N SER A 379 -9.00 -9.74 -12.54
CA SER A 379 -7.93 -10.73 -12.44
C SER A 379 -6.55 -10.09 -12.37
N TRP A 380 -5.96 -10.09 -11.18
CA TRP A 380 -4.63 -9.53 -10.98
C TRP A 380 -3.58 -10.62 -10.85
N LEU A 381 -2.34 -10.33 -11.24
CA LEU A 381 -1.27 -11.24 -10.87
C LEU A 381 -1.12 -11.11 -9.37
N ASP A 382 -1.14 -9.88 -8.89
CA ASP A 382 -1.14 -9.59 -7.47
C ASP A 382 -2.30 -8.66 -7.12
N GLN A 383 -3.13 -9.10 -6.19
CA GLN A 383 -4.27 -8.31 -5.74
C GLN A 383 -3.78 -7.06 -5.04
N PRO A 384 -4.44 -5.92 -5.31
CA PRO A 384 -4.10 -4.67 -4.62
C PRO A 384 -4.26 -4.86 -3.11
N PRO A 385 -3.31 -4.37 -2.31
CA PRO A 385 -3.32 -4.52 -0.84
C PRO A 385 -4.50 -3.78 -0.21
N VAL A 386 -5.19 -4.44 0.72
CA VAL A 386 -6.37 -3.90 1.38
C VAL A 386 -6.10 -2.53 2.02
N VAL A 387 -4.99 -2.46 2.76
CA VAL A 387 -4.56 -1.22 3.43
C VAL A 387 -4.44 -0.03 2.49
N ASN A 388 -3.85 -0.23 1.31
CA ASN A 388 -3.67 0.87 0.37
C ASN A 388 -4.96 1.20 -0.41
N LEU A 389 -5.84 0.21 -0.55
CA LEU A 389 -7.14 0.44 -1.18
C LEU A 389 -7.99 1.29 -0.24
N LEU A 390 -7.93 0.96 1.05
CA LEU A 390 -8.63 1.73 2.07
C LEU A 390 -8.11 3.15 2.12
N ALA A 391 -6.78 3.32 2.09
CA ALA A 391 -6.21 4.66 2.06
C ALA A 391 -6.67 5.39 0.80
N ALA A 392 -6.67 4.70 -0.34
CA ALA A 392 -7.22 5.27 -1.59
C ALA A 392 -8.69 5.71 -1.46
N LYS A 393 -9.53 4.82 -0.95
CA LYS A 393 -10.94 5.15 -0.73
C LYS A 393 -11.08 6.41 0.13
N ARG A 394 -10.35 6.46 1.24
CA ARG A 394 -10.41 7.63 2.13
C ARG A 394 -10.01 8.89 1.40
N LEU A 395 -8.93 8.85 0.62
CA LEU A 395 -8.52 10.03 -0.14
C LEU A 395 -9.59 10.49 -1.14
N LEU A 396 -10.19 9.54 -1.86
CA LEU A 396 -11.21 9.86 -2.84
C LEU A 396 -12.41 10.50 -2.15
N GLN A 397 -12.71 10.04 -0.93
CA GLN A 397 -13.74 10.66 -0.11
C GLN A 397 -13.39 12.12 0.19
N MET A 398 -12.17 12.36 0.66
CA MET A 398 -11.69 13.71 0.93
C MET A 398 -11.88 14.62 -0.30
N LEU A 399 -11.64 14.07 -1.48
CA LEU A 399 -11.69 14.84 -2.72
C LEU A 399 -13.10 15.01 -3.26
N GLY A 400 -14.07 14.36 -2.60
CA GLY A 400 -15.47 14.41 -3.04
C GLY A 400 -15.82 13.60 -4.29
N ALA A 401 -14.98 12.61 -4.60
CA ALA A 401 -15.15 11.82 -5.82
C ALA A 401 -16.15 10.66 -5.64
N LEU A 402 -16.48 10.34 -4.40
CA LEU A 402 -17.27 9.15 -4.14
C LEU A 402 -18.67 9.48 -3.68
N GLU A 403 -19.63 8.71 -4.17
CA GLU A 403 -21.01 8.77 -3.69
C GLU A 403 -21.38 7.34 -3.26
N GLY A 404 -21.25 7.07 -1.97
CA GLY A 404 -21.43 5.72 -1.47
C GLY A 404 -20.26 4.84 -1.90
N GLU A 405 -20.52 3.92 -2.82
CA GLU A 405 -19.47 3.02 -3.31
C GLU A 405 -19.18 3.29 -4.78
N ARG A 406 -19.85 4.30 -5.32
CA ARG A 406 -19.67 4.67 -6.72
C ARG A 406 -19.05 6.05 -6.82
N LEU A 407 -18.78 6.46 -8.06
CA LEU A 407 -18.27 7.79 -8.33
C LEU A 407 -19.38 8.80 -8.16
N SER A 408 -19.07 9.92 -7.52
CA SER A 408 -20.02 11.02 -7.46
C SER A 408 -20.09 11.72 -8.81
N ALA A 409 -20.91 12.75 -8.90
CA ALA A 409 -20.98 13.56 -10.10
C ALA A 409 -19.62 14.20 -10.41
N GLN A 410 -18.96 14.71 -9.38
CA GLN A 410 -17.65 15.32 -9.56
C GLN A 410 -16.60 14.25 -9.87
N GLY A 411 -16.74 13.10 -9.20
CA GLY A 411 -15.88 11.97 -9.43
C GLY A 411 -15.85 11.47 -10.87
N GLN A 412 -16.97 11.59 -11.56
CA GLN A 412 -17.02 11.16 -12.95
C GLN A 412 -16.23 12.13 -13.83
N LYS A 413 -16.33 13.41 -13.52
CA LYS A 413 -15.55 14.39 -14.26
C LYS A 413 -14.06 14.16 -13.98
N MET A 414 -13.72 13.85 -12.74
CA MET A 414 -12.31 13.62 -12.40
C MET A 414 -11.78 12.44 -13.20
N ALA A 415 -12.60 11.40 -13.32
CA ALA A 415 -12.20 10.20 -14.04
C ALA A 415 -12.03 10.47 -15.53
N ALA A 416 -12.87 11.36 -16.08
CA ALA A 416 -12.74 11.73 -17.48
C ALA A 416 -11.37 12.37 -17.78
N LEU A 417 -10.89 13.24 -16.87
CA LEU A 417 -9.61 13.91 -17.07
C LEU A 417 -8.46 12.91 -17.15
N GLY A 418 -8.56 11.82 -16.38
CA GLY A 418 -7.60 10.74 -16.47
C GLY A 418 -6.33 11.05 -15.70
N ASN A 419 -6.38 12.18 -15.01
CA ASN A 419 -5.27 12.78 -14.31
C ASN A 419 -4.97 12.10 -12.98
N ASP A 420 -3.89 12.48 -12.31
CA ASP A 420 -3.76 12.13 -10.90
C ASP A 420 -5.00 12.68 -10.19
N PRO A 421 -5.68 11.83 -9.38
CA PRO A 421 -6.97 12.19 -8.75
C PRO A 421 -6.97 13.49 -7.96
N ARG A 422 -5.95 13.75 -7.15
CA ARG A 422 -5.85 15.02 -6.44
C ARG A 422 -5.83 16.19 -7.44
N LEU A 423 -5.05 16.07 -8.50
CA LEU A 423 -4.98 17.13 -9.50
C LEU A 423 -6.30 17.25 -10.30
N ALA A 424 -6.90 16.11 -10.62
CA ALA A 424 -8.18 16.08 -11.32
C ALA A 424 -9.27 16.75 -10.48
N ALA A 425 -9.26 16.46 -9.18
CA ALA A 425 -10.20 17.03 -8.22
C ALA A 425 -10.07 18.56 -8.23
N MET A 426 -8.83 19.04 -8.23
CA MET A 426 -8.58 20.47 -8.25
C MET A 426 -9.18 21.12 -9.49
N LEU A 427 -8.93 20.52 -10.65
CA LEU A 427 -9.43 21.05 -11.91
C LEU A 427 -10.95 21.14 -11.94
N VAL A 428 -11.60 20.06 -11.52
CA VAL A 428 -13.05 19.92 -11.56
C VAL A 428 -13.72 20.83 -10.51
N SER A 429 -12.99 21.22 -9.49
CA SER A 429 -13.53 22.10 -8.46
C SER A 429 -13.49 23.60 -8.86
N ALA A 430 -12.78 23.91 -9.95
CA ALA A 430 -12.77 25.27 -10.48
C ALA A 430 -14.20 25.70 -10.81
N LYS A 431 -14.60 26.89 -10.33
CA LYS A 431 -16.00 27.35 -10.47
C LYS A 431 -16.19 28.20 -11.72
N ASN A 432 -15.10 28.69 -12.31
CA ASN A 432 -15.16 29.42 -13.56
C ASN A 432 -13.88 29.19 -14.37
N ASP A 433 -13.85 29.77 -15.57
CA ASP A 433 -12.78 29.50 -16.51
C ASP A 433 -11.44 30.10 -16.07
N ASP A 434 -11.46 31.11 -15.21
CA ASP A 434 -10.23 31.69 -14.69
C ASP A 434 -9.64 30.78 -13.62
N GLU A 435 -10.50 30.27 -12.74
CA GLU A 435 -10.09 29.26 -11.79
C GLU A 435 -9.63 28.01 -12.52
N ALA A 436 -10.29 27.71 -13.64
CA ALA A 436 -9.90 26.54 -14.43
C ALA A 436 -8.46 26.68 -14.94
N ALA A 437 -8.17 27.81 -15.63
CA ALA A 437 -6.82 28.04 -16.18
C ALA A 437 -5.77 28.04 -15.06
N THR A 438 -6.13 28.57 -13.90
CA THR A 438 -5.22 28.55 -12.75
C THR A 438 -4.94 27.11 -12.32
N ALA A 439 -6.00 26.33 -12.15
CA ALA A 439 -5.86 24.92 -11.77
C ALA A 439 -5.01 24.13 -12.78
N ALA A 440 -5.15 24.42 -14.07
CA ALA A 440 -4.47 23.65 -15.11
C ALA A 440 -2.98 23.86 -15.08
N LYS A 441 -2.58 25.11 -14.85
CA LYS A 441 -1.18 25.45 -14.73
C LYS A 441 -0.57 24.82 -13.48
N ILE A 442 -1.27 24.96 -12.35
CA ILE A 442 -0.80 24.33 -11.11
C ILE A 442 -0.58 22.84 -11.32
N ALA A 443 -1.52 22.22 -12.03
CA ALA A 443 -1.49 20.79 -12.26
C ALA A 443 -0.30 20.41 -13.14
N ALA A 444 -0.04 21.21 -14.17
CA ALA A 444 1.06 20.89 -15.05
C ALA A 444 2.38 21.00 -14.28
N ILE A 445 2.47 21.98 -13.40
CA ILE A 445 3.64 22.14 -12.53
C ILE A 445 3.84 20.93 -11.60
N LEU A 446 2.80 20.55 -10.86
CA LEU A 446 2.93 19.42 -9.92
C LEU A 446 3.26 18.08 -10.60
N GLU A 447 2.83 17.91 -11.85
CA GLU A 447 3.18 16.74 -12.67
C GLU A 447 4.65 16.73 -13.15
N GLU A 448 5.20 17.91 -13.41
CA GLU A 448 6.57 18.06 -13.89
C GLU A 448 7.21 19.23 -13.17
N PRO A 449 7.56 19.02 -11.88
CA PRO A 449 8.08 20.06 -10.99
C PRO A 449 9.34 20.72 -11.55
N PRO A 450 9.58 21.99 -11.19
CA PRO A 450 10.84 22.66 -11.55
C PRO A 450 12.02 21.83 -11.07
N ARG A 451 13.16 21.98 -11.73
CA ARG A 451 14.33 21.21 -11.33
C ARG A 451 15.42 22.09 -10.73
N MET A 452 15.06 23.31 -10.32
CA MET A 452 15.91 24.10 -9.45
C MET A 452 15.49 23.84 -8.00
N GLY A 453 16.15 24.50 -7.05
CA GLY A 453 15.85 24.26 -5.65
C GLY A 453 14.94 25.30 -5.04
N ASN A 454 13.87 25.66 -5.75
CA ASN A 454 12.97 26.71 -5.29
C ASN A 454 11.65 26.14 -4.75
N SER A 455 11.30 26.55 -3.54
CA SER A 455 10.20 25.90 -2.82
C SER A 455 8.86 26.60 -3.02
N ASP A 456 8.89 27.87 -3.42
CA ASP A 456 7.65 28.61 -3.63
C ASP A 456 6.93 28.18 -4.92
N LEU A 457 5.72 27.64 -4.75
CA LEU A 457 4.88 27.23 -5.89
C LEU A 457 4.37 28.45 -6.68
N GLY A 458 4.30 29.59 -6.01
CA GLY A 458 3.91 30.84 -6.65
C GLY A 458 4.98 31.31 -7.62
N VAL A 459 6.23 30.94 -7.37
CA VAL A 459 7.30 31.29 -8.30
C VAL A 459 7.15 30.47 -9.58
N ALA A 460 7.00 29.16 -9.46
CA ALA A 460 6.85 28.31 -10.64
C ALA A 460 5.62 28.74 -11.46
N PHE A 461 4.54 29.06 -10.74
CA PHE A 461 3.29 29.50 -11.36
C PHE A 461 3.48 30.73 -12.26
N SER A 462 4.30 31.66 -11.81
CA SER A 462 4.52 32.89 -12.56
C SER A 462 5.44 32.65 -13.77
N ARG A 463 6.12 31.51 -13.81
CA ARG A 463 6.98 31.23 -14.95
C ARG A 463 6.13 30.77 -16.10
N ASN A 464 6.48 31.14 -17.32
CA ASN A 464 5.63 30.80 -18.44
C ASN A 464 6.37 29.77 -19.29
N GLN A 465 6.75 28.67 -18.65
CA GLN A 465 7.45 27.59 -19.33
C GLN A 465 6.54 26.93 -20.37
N PRO A 466 7.05 26.79 -21.59
CA PRO A 466 6.27 26.30 -22.74
C PRO A 466 5.74 24.87 -22.59
N ALA A 467 6.46 23.96 -21.95
CA ALA A 467 5.95 22.59 -21.80
C ALA A 467 4.78 22.53 -20.80
N TRP A 468 4.88 23.28 -19.71
CA TRP A 468 3.78 23.44 -18.78
C TRP A 468 2.55 24.03 -19.46
N GLN A 469 2.79 25.07 -20.26
CA GLN A 469 1.72 25.67 -21.04
C GLN A 469 1.02 24.64 -21.93
N GLN A 470 1.80 23.81 -22.59
CA GLN A 470 1.25 22.77 -23.45
C GLN A 470 0.35 21.84 -22.67
N ARG A 471 0.84 21.40 -21.51
CA ARG A 471 0.08 20.48 -20.69
C ARG A 471 -1.20 21.12 -20.20
N SER A 472 -1.12 22.40 -19.81
CA SER A 472 -2.28 23.15 -19.36
C SER A 472 -3.39 23.17 -20.40
N GLN A 473 -3.02 23.50 -21.64
CA GLN A 473 -3.96 23.54 -22.76
C GLN A 473 -4.63 22.17 -22.96
N GLN A 474 -3.83 21.10 -22.85
CA GLN A 474 -4.34 19.72 -22.97
C GLN A 474 -5.36 19.37 -21.85
N LEU A 475 -5.04 19.77 -20.63
CA LEU A 475 -5.95 19.53 -19.51
C LEU A 475 -7.25 20.33 -19.65
N LEU A 476 -7.14 21.58 -20.10
CA LEU A 476 -8.33 22.39 -20.28
C LEU A 476 -9.21 21.83 -21.39
N LYS A 477 -8.60 21.21 -22.38
CA LYS A 477 -9.37 20.60 -23.46
C LYS A 477 -10.20 19.46 -22.88
N ARG A 478 -9.54 18.57 -22.14
CA ARG A 478 -10.23 17.47 -21.49
CA ARG A 478 -10.23 17.47 -21.49
C ARG A 478 -11.31 18.00 -20.55
N LEU A 479 -11.01 19.08 -19.85
CA LEU A 479 -11.98 19.67 -18.93
C LEU A 479 -13.12 20.40 -19.67
N ASN A 480 -12.93 20.62 -20.98
CA ASN A 480 -13.90 21.35 -21.84
C ASN A 480 -14.05 22.81 -21.45
N VAL A 481 -12.92 23.45 -21.23
CA VAL A 481 -12.88 24.82 -20.78
C VAL A 481 -11.80 25.52 -21.60
N ARG A 482 -12.07 26.74 -22.00
CA ARG A 482 -11.12 27.49 -22.82
C ARG A 482 -11.31 28.97 -22.65
N GLY A 483 -10.21 29.73 -22.62
CA GLY A 483 -10.29 31.18 -22.71
C GLY A 483 -10.19 31.91 -21.39
N GLY A 484 -10.02 31.18 -20.30
CA GLY A 484 -9.87 31.80 -18.99
C GLY A 484 -8.48 32.39 -18.79
N GLU A 485 -8.34 33.30 -17.83
CA GLU A 485 -7.05 33.90 -17.50
C GLU A 485 -6.57 33.43 -16.13
N ALA A 486 -5.41 32.79 -16.05
CA ALA A 486 -4.95 32.29 -14.76
C ALA A 486 -4.57 33.45 -13.83
N ASP A 487 -4.78 33.29 -12.53
CA ASP A 487 -4.44 34.31 -11.55
C ASP A 487 -4.01 33.68 -10.23
N SER A 488 -2.84 34.09 -9.73
CA SER A 488 -2.23 33.49 -8.55
C SER A 488 -3.09 33.64 -7.30
N SER A 489 -3.92 34.68 -7.27
CA SER A 489 -4.81 34.84 -6.12
C SER A 489 -5.87 33.77 -6.08
N LEU A 490 -5.97 32.94 -7.11
CA LEU A 490 -7.00 31.91 -7.13
C LEU A 490 -6.45 30.53 -6.76
N ILE A 491 -5.15 30.47 -6.48
CA ILE A 491 -4.45 29.21 -6.27
C ILE A 491 -4.82 28.56 -4.96
N ALA A 492 -4.72 29.33 -3.87
CA ALA A 492 -4.89 28.77 -2.51
C ALA A 492 -6.20 28.00 -2.30
N PRO A 493 -7.36 28.56 -2.67
CA PRO A 493 -8.55 27.72 -2.44
C PRO A 493 -8.62 26.45 -3.32
N LEU A 494 -8.10 26.50 -4.54
CA LEU A 494 -7.99 25.30 -5.38
C LEU A 494 -7.10 24.23 -4.75
N LEU A 495 -5.95 24.65 -4.24
CA LEU A 495 -5.06 23.74 -3.55
C LEU A 495 -5.67 23.19 -2.26
N ALA A 496 -6.28 24.09 -1.49
CA ALA A 496 -6.92 23.74 -0.23
C ALA A 496 -7.84 22.53 -0.35
N GLY A 497 -8.60 22.45 -1.45
CA GLY A 497 -9.50 21.34 -1.65
C GLY A 497 -8.79 20.01 -1.87
N ALA A 498 -7.82 20.01 -2.76
CA ALA A 498 -7.16 18.77 -3.17
C ALA A 498 -5.98 18.38 -2.29
N PHE A 499 -5.49 19.30 -1.47
CA PHE A 499 -4.35 19.00 -0.59
C PHE A 499 -4.60 19.47 0.84
N ALA A 500 -5.83 19.36 1.31
CA ALA A 500 -6.19 19.82 2.66
C ALA A 500 -5.34 19.17 3.77
N ASP A 501 -5.03 17.89 3.61
CA ASP A 501 -4.20 17.15 4.54
C ASP A 501 -2.73 17.62 4.53
N ARG A 502 -2.39 18.45 3.54
CA ARG A 502 -1.01 18.93 3.44
C ARG A 502 -0.90 20.42 3.71
N ILE A 503 -1.95 21.01 4.27
CA ILE A 503 -1.87 22.33 4.90
C ILE A 503 -0.86 22.29 6.04
N ALA A 504 0.07 23.24 6.07
CA ALA A 504 1.16 23.19 7.03
C ALA A 504 1.19 24.40 7.97
N ARG A 505 1.36 24.13 9.25
CA ARG A 505 1.49 25.21 10.23
C ARG A 505 2.86 25.13 10.89
N ARG A 506 3.45 26.30 11.13
CA ARG A 506 4.76 26.37 11.77
C ARG A 506 4.64 25.92 13.21
N ARG A 507 5.61 25.14 13.65
CA ARG A 507 5.59 24.61 15.02
C ARG A 507 6.82 24.96 15.82
N GLY A 508 6.79 26.12 16.46
CA GLY A 508 7.80 26.53 17.43
C GLY A 508 9.11 27.09 16.91
N GLN A 509 9.65 26.50 15.84
CA GLN A 509 10.89 26.98 15.23
C GLN A 509 10.72 27.17 13.73
N ASP A 510 11.43 28.16 13.18
CA ASP A 510 11.36 28.45 11.75
C ASP A 510 11.88 27.28 10.90
N GLY A 511 11.04 26.83 9.98
CA GLY A 511 11.35 25.67 9.16
C GLY A 511 10.63 24.41 9.58
N ARG A 512 10.19 24.34 10.84
CA ARG A 512 9.48 23.16 11.34
C ARG A 512 7.98 23.33 11.23
N TYR A 513 7.36 22.44 10.47
CA TYR A 513 5.94 22.48 10.22
C TYR A 513 5.26 21.17 10.61
N GLN A 514 3.99 21.27 11.00
CA GLN A 514 3.16 20.07 11.09
C GLN A 514 2.04 20.14 10.04
N LEU A 515 1.82 19.03 9.35
CA LEU A 515 0.74 18.99 8.34
C LEU A 515 -0.59 18.65 9.01
N ALA A 516 -1.70 18.97 8.33
CA ALA A 516 -3.04 18.70 8.86
C ALA A 516 -3.24 17.21 9.17
N ASN A 517 -2.49 16.34 8.49
CA ASN A 517 -2.67 14.91 8.71
C ASN A 517 -1.80 14.45 9.88
N GLY A 518 -1.14 15.43 10.51
CA GLY A 518 -0.45 15.21 11.76
C GLY A 518 1.04 15.00 11.63
N MET A 519 1.52 14.79 10.41
CA MET A 519 2.92 14.48 10.22
C MET A 519 3.80 15.74 10.22
N GLY A 520 5.11 15.53 10.30
CA GLY A 520 6.05 16.63 10.31
C GLY A 520 6.62 16.96 8.94
N ALA A 521 6.69 18.25 8.66
CA ALA A 521 7.20 18.73 7.37
C ALA A 521 8.29 19.74 7.62
N MET A 522 9.39 19.61 6.88
CA MET A 522 10.54 20.46 7.11
C MET A 522 10.88 21.34 5.92
N LEU A 523 11.11 22.60 6.21
CA LEU A 523 11.67 23.51 5.22
C LEU A 523 12.96 24.12 5.75
N ASP A 524 13.89 24.44 4.85
CA ASP A 524 15.13 25.12 5.21
C ASP A 524 14.83 26.38 6.01
N ALA A 525 15.56 26.56 7.11
CA ALA A 525 15.38 27.71 7.99
C ALA A 525 15.64 29.05 7.28
N ASN A 526 16.37 29.03 6.18
CA ASN A 526 16.62 30.25 5.40
C ASN A 526 15.84 30.28 4.09
N ASP A 527 14.67 29.65 4.09
CA ASP A 527 13.80 29.71 2.93
C ASP A 527 12.80 30.83 3.10
N ALA A 528 12.54 31.52 2.00
CA ALA A 528 11.55 32.58 1.99
C ALA A 528 10.22 32.14 2.59
N LEU A 529 9.79 30.92 2.28
CA LEU A 529 8.49 30.46 2.76
C LEU A 529 8.47 30.18 4.27
N SER A 530 9.63 29.78 4.83
CA SER A 530 9.71 29.49 6.26
C SER A 530 9.70 30.78 7.10
N ARG A 531 9.49 31.91 6.44
CA ARG A 531 9.19 33.16 7.11
C ARG A 531 7.70 33.25 7.44
N HIS A 532 6.91 32.28 6.97
CA HIS A 532 5.47 32.33 7.15
C HIS A 532 4.94 31.18 7.98
N GLU A 533 3.83 31.41 8.65
CA GLU A 533 3.26 30.42 9.57
C GLU A 533 2.35 29.39 8.90
N TRP A 534 1.62 29.80 7.88
CA TRP A 534 0.70 28.86 7.24
C TRP A 534 1.00 28.64 5.76
N LEU A 535 1.16 27.37 5.38
CA LEU A 535 1.42 27.00 3.99
C LEU A 535 0.49 25.90 3.53
N ILE A 536 0.45 25.68 2.22
CA ILE A 536 -0.09 24.44 1.68
C ILE A 536 1.07 23.80 0.93
N ALA A 537 1.44 22.58 1.30
CA ALA A 537 2.60 21.94 0.69
C ALA A 537 2.19 20.71 -0.10
N PRO A 538 1.80 20.89 -1.36
CA PRO A 538 1.38 19.74 -2.16
C PRO A 538 2.50 18.74 -2.46
N LEU A 539 3.73 19.22 -2.64
CA LEU A 539 4.83 18.33 -2.98
C LEU A 539 5.81 18.12 -1.81
N LEU A 540 5.95 16.86 -1.39
CA LEU A 540 6.67 16.50 -0.19
C LEU A 540 7.59 15.31 -0.38
N LEU A 541 8.84 15.43 0.07
CA LEU A 541 9.80 14.34 0.03
C LEU A 541 10.02 13.73 1.42
N GLN A 542 9.39 12.59 1.66
CA GLN A 542 9.49 11.87 2.93
C GLN A 542 10.84 11.18 3.04
N GLY A 543 11.62 11.55 4.06
CA GLY A 543 12.93 10.96 4.32
C GLY A 543 12.89 9.44 4.32
N SER A 544 12.13 8.88 5.25
CA SER A 544 11.74 7.49 5.18
C SER A 544 10.63 7.23 6.20
N ALA A 545 10.55 5.99 6.69
CA ALA A 545 9.45 5.49 7.54
C ALA A 545 8.96 6.46 8.61
N SER A 546 9.87 7.31 9.10
CA SER A 546 9.52 8.36 10.05
C SER A 546 8.57 9.39 9.41
N PRO A 547 7.38 9.61 10.03
CA PRO A 547 6.39 10.54 9.46
C PRO A 547 6.89 11.99 9.38
N ASP A 548 8.07 12.17 8.80
CA ASP A 548 8.68 13.48 8.57
C ASP A 548 9.09 13.60 7.12
N ALA A 549 8.83 14.75 6.54
CA ALA A 549 9.09 14.97 5.12
C ALA A 549 9.65 16.36 4.85
N ARG A 550 10.41 16.49 3.77
CA ARG A 550 10.88 17.79 3.33
C ARG A 550 9.84 18.44 2.40
N ILE A 551 9.67 19.74 2.54
CA ILE A 551 8.76 20.48 1.68
C ILE A 551 9.48 20.90 0.41
N LEU A 552 8.96 20.45 -0.75
CA LEU A 552 9.62 20.71 -2.03
C LEU A 552 8.95 21.85 -2.78
N LEU A 553 7.62 21.84 -2.81
CA LEU A 553 6.83 22.94 -3.40
C LEU A 553 5.70 23.32 -2.47
N ALA A 554 5.59 24.60 -2.14
CA ALA A 554 4.55 25.05 -1.22
C ALA A 554 4.08 26.44 -1.56
N LEU A 555 2.89 26.75 -1.05
CA LEU A 555 2.28 28.06 -1.26
C LEU A 555 1.99 28.66 0.10
N LEU A 556 2.23 29.96 0.22
CA LEU A 556 1.91 30.67 1.46
C LEU A 556 0.47 31.09 1.43
N VAL A 557 -0.21 30.92 2.55
CA VAL A 557 -1.62 31.25 2.68
C VAL A 557 -1.85 32.08 3.92
N ASP A 558 -2.70 33.09 3.82
CA ASP A 558 -3.22 33.75 5.00
C ASP A 558 -4.35 32.85 5.51
N ILE A 559 -4.15 32.27 6.68
CA ILE A 559 -5.03 31.22 7.15
C ILE A 559 -6.43 31.74 7.39
N ASP A 560 -6.52 33.02 7.76
CA ASP A 560 -7.81 33.64 8.06
C ASP A 560 -8.67 33.76 6.80
N GLU A 561 -8.04 34.12 5.69
CA GLU A 561 -8.70 34.15 4.40
C GLU A 561 -9.14 32.77 3.99
N LEU A 562 -8.24 31.80 4.16
CA LEU A 562 -8.47 30.47 3.65
C LEU A 562 -9.63 29.80 4.36
N VAL A 563 -9.64 29.92 5.68
CA VAL A 563 -10.70 29.34 6.50
C VAL A 563 -12.02 30.04 6.21
N GLN A 564 -11.94 31.33 5.93
CA GLN A 564 -13.12 32.08 5.55
C GLN A 564 -13.59 31.65 4.16
N ARG A 565 -12.65 31.49 3.24
CA ARG A 565 -12.94 31.08 1.88
C ARG A 565 -13.40 29.61 1.83
N CYS A 566 -12.87 28.79 2.73
CA CYS A 566 -13.11 27.36 2.74
C CYS A 566 -13.44 26.88 4.15
N PRO A 567 -14.66 27.22 4.62
CA PRO A 567 -15.09 26.94 6.01
C PRO A 567 -15.06 25.46 6.37
N GLN A 568 -15.18 24.60 5.36
CA GLN A 568 -15.25 23.16 5.60
C GLN A 568 -13.92 22.61 6.09
N LEU A 569 -12.83 23.37 5.93
CA LEU A 569 -11.52 22.95 6.43
C LEU A 569 -11.49 22.82 7.95
N VAL A 570 -12.33 23.58 8.63
CA VAL A 570 -12.24 23.71 10.08
C VAL A 570 -13.36 22.94 10.76
N GLN A 571 -12.98 22.03 11.63
CA GLN A 571 -13.95 21.29 12.42
C GLN A 571 -13.84 21.70 13.88
N GLN A 572 -14.96 21.57 14.60
CA GLN A 572 -15.07 22.04 15.97
C GLN A 572 -15.13 20.85 16.93
N SER A 573 -14.46 20.97 18.07
CA SER A 573 -14.37 19.86 19.03
C SER A 573 -14.27 20.36 20.47
N ASP A 574 -15.30 20.10 21.25
CA ASP A 574 -15.33 20.54 22.64
C ASP A 574 -14.87 19.43 23.59
N THR A 575 -14.28 19.82 24.72
CA THR A 575 -13.81 18.84 25.68
C THR A 575 -14.09 19.27 27.10
N VAL A 576 -14.71 18.39 27.87
CA VAL A 576 -14.88 18.63 29.30
C VAL A 576 -14.38 17.42 30.06
N GLU A 577 -13.57 17.66 31.08
CA GLU A 577 -12.96 16.60 31.88
C GLU A 577 -12.39 17.19 33.16
N TRP A 578 -11.98 16.33 34.08
CA TRP A 578 -11.41 16.78 35.35
C TRP A 578 -9.91 16.52 35.42
N ASP A 579 -9.15 17.60 35.59
CA ASP A 579 -7.71 17.53 35.75
C ASP A 579 -7.34 17.21 37.20
N ASP A 580 -7.04 15.94 37.45
CA ASP A 580 -6.65 15.45 38.78
C ASP A 580 -5.31 16.02 39.24
N ALA A 581 -4.44 16.28 38.26
CA ALA A 581 -3.13 16.85 38.53
C ALA A 581 -3.22 18.23 39.22
N GLN A 582 -4.25 19.00 38.88
CA GLN A 582 -4.38 20.35 39.45
C GLN A 582 -5.72 20.58 40.17
N GLY A 583 -6.57 19.56 40.16
CA GLY A 583 -7.83 19.62 40.89
C GLY A 583 -8.79 20.69 40.40
N THR A 584 -8.92 20.78 39.08
CA THR A 584 -9.74 21.82 38.45
C THR A 584 -10.51 21.22 37.29
N LEU A 585 -11.60 21.89 36.89
CA LEU A 585 -12.38 21.47 35.74
C LEU A 585 -11.79 22.07 34.47
N LYS A 586 -11.48 21.24 33.49
CA LYS A 586 -10.96 21.73 32.22
C LYS A 586 -12.07 21.66 31.17
N ALA A 587 -12.32 22.79 30.52
CA ALA A 587 -13.40 22.90 29.55
C ALA A 587 -13.03 23.88 28.46
N TRP A 588 -12.64 23.32 27.32
CA TRP A 588 -12.23 24.17 26.21
C TRP A 588 -12.94 23.78 24.92
N ARG A 589 -12.99 24.74 23.99
CA ARG A 589 -13.40 24.48 22.60
C ARG A 589 -12.18 24.62 21.69
N ARG A 590 -11.95 23.60 20.85
CA ARG A 590 -10.83 23.61 19.91
C ARG A 590 -11.31 23.65 18.46
N LEU A 591 -10.90 24.68 17.72
CA LEU A 591 -11.09 24.67 16.27
C LEU A 591 -9.86 24.00 15.63
N GLN A 592 -10.06 23.01 14.76
CA GLN A 592 -8.83 22.38 14.31
C GLN A 592 -8.94 22.20 12.74
N ILE A 593 -7.81 22.27 12.06
CA ILE A 593 -7.73 21.86 10.68
C ILE A 593 -6.98 20.54 10.65
N GLY A 594 -7.73 19.44 10.53
CA GLY A 594 -7.12 18.13 10.69
C GLY A 594 -6.56 17.99 12.09
N GLN A 595 -5.26 17.68 12.19
CA GLN A 595 -4.59 17.52 13.47
C GLN A 595 -3.98 18.82 13.99
N LEU A 596 -4.20 19.91 13.26
CA LEU A 596 -3.61 21.22 13.57
C LEU A 596 -4.55 22.07 14.39
N THR A 597 -4.15 22.37 15.62
CA THR A 597 -4.99 23.23 16.44
C THR A 597 -4.89 24.67 15.94
N VAL A 598 -6.02 25.26 15.60
CA VAL A 598 -6.01 26.60 15.03
C VAL A 598 -6.34 27.61 16.13
N LYS A 599 -7.24 27.21 17.01
CA LYS A 599 -7.62 28.06 18.11
C LYS A 599 -8.14 27.21 19.26
N VAL A 600 -7.84 27.64 20.49
CA VAL A 600 -8.44 27.06 21.68
C VAL A 600 -9.09 28.17 22.49
N GLN A 601 -10.32 27.93 22.92
CA GLN A 601 -11.07 28.94 23.65
C GLN A 601 -11.82 28.31 24.80
N PRO A 602 -12.11 29.10 25.84
CA PRO A 602 -12.93 28.57 26.95
C PRO A 602 -14.33 28.22 26.47
N LEU A 603 -14.83 27.10 26.95
CA LEU A 603 -16.15 26.63 26.53
C LEU A 603 -17.25 27.57 27.04
N ALA A 604 -17.93 28.24 26.13
CA ALA A 604 -19.11 29.03 26.46
C ALA A 604 -20.23 28.10 26.92
N LYS A 605 -21.24 28.64 27.59
CA LYS A 605 -22.38 27.85 28.07
C LYS A 605 -22.92 26.99 26.94
N PRO A 606 -22.68 25.67 27.02
CA PRO A 606 -22.99 24.78 25.90
C PRO A 606 -24.42 24.24 25.93
N SER A 607 -24.94 23.91 24.75
CA SER A 607 -26.18 23.15 24.69
C SER A 607 -25.90 21.82 25.36
N GLU A 608 -26.94 21.05 25.60
CA GLU A 608 -26.74 19.81 26.31
C GLU A 608 -26.25 18.70 25.43
N ASP A 609 -26.62 18.74 24.16
CA ASP A 609 -26.07 17.83 23.18
C ASP A 609 -24.58 18.12 23.02
N GLU A 610 -24.22 19.40 23.16
CA GLU A 610 -22.81 19.81 23.11
C GLU A 610 -22.03 19.32 24.32
N LEU A 611 -22.62 19.51 25.50
CA LEU A 611 -22.00 19.12 26.75
C LEU A 611 -21.72 17.62 26.79
N HIS A 612 -22.70 16.82 26.40
CA HIS A 612 -22.54 15.39 26.41
C HIS A 612 -21.43 14.97 25.48
N GLN A 613 -21.39 15.61 24.33
CA GLN A 613 -20.35 15.33 23.36
C GLN A 613 -18.99 15.72 23.94
N ALA A 614 -18.91 16.88 24.59
CA ALA A 614 -17.65 17.34 25.17
C ALA A 614 -17.17 16.37 26.26
N MET A 615 -18.10 15.77 27.00
CA MET A 615 -17.76 14.78 28.01
C MET A 615 -17.21 13.49 27.40
N LEU A 616 -17.79 13.06 26.27
CA LEU A 616 -17.28 11.88 25.55
C LEU A 616 -15.82 12.06 25.17
N ASN A 617 -15.48 13.26 24.68
CA ASN A 617 -14.09 13.58 24.35
C ASN A 617 -13.19 13.59 25.58
N GLY A 618 -13.75 14.00 26.71
CA GLY A 618 -13.02 13.99 27.96
C GLY A 618 -12.72 12.56 28.38
N ILE A 619 -13.68 11.67 28.13
CA ILE A 619 -13.51 10.25 28.44
C ILE A 619 -12.41 9.67 27.55
N ARG A 620 -12.43 10.05 26.28
CA ARG A 620 -11.34 9.70 25.37
C ARG A 620 -10.01 10.23 25.88
N ASP A 621 -10.01 11.35 26.60
CA ASP A 621 -8.77 11.85 27.18
C ASP A 621 -8.37 11.05 28.41
N LYS A 622 -9.32 10.80 29.30
CA LYS A 622 -9.02 10.26 30.62
C LYS A 622 -9.13 8.74 30.70
N GLY A 623 -9.79 8.15 29.72
CA GLY A 623 -9.99 6.71 29.68
C GLY A 623 -11.32 6.28 30.29
N LEU A 624 -11.69 5.03 30.04
CA LEU A 624 -12.96 4.50 30.52
C LEU A 624 -13.07 4.46 32.05
N SER A 625 -11.94 4.51 32.72
CA SER A 625 -11.88 4.52 34.17
C SER A 625 -12.75 5.57 34.86
N VAL A 626 -13.16 6.64 34.16
CA VAL A 626 -13.99 7.66 34.80
C VAL A 626 -15.46 7.23 34.90
N LEU A 627 -15.81 6.16 34.19
CA LEU A 627 -17.14 5.58 34.29
C LEU A 627 -17.21 4.67 35.49
N ASN A 628 -18.44 4.28 35.87
CA ASN A 628 -18.62 3.38 37.01
C ASN A 628 -18.63 1.91 36.60
N TRP A 629 -17.47 1.28 36.71
CA TRP A 629 -17.33 -0.12 36.34
C TRP A 629 -17.58 -1.04 37.53
N THR A 630 -18.84 -1.41 37.75
CA THR A 630 -19.20 -2.38 38.78
C THR A 630 -18.65 -3.74 38.42
N ALA A 631 -18.51 -4.62 39.43
CA ALA A 631 -18.17 -6.02 39.20
C ALA A 631 -19.06 -6.64 38.13
N GLU A 632 -20.34 -6.28 38.16
CA GLU A 632 -21.31 -6.80 37.20
C GLU A 632 -21.08 -6.30 35.75
N ALA A 633 -20.84 -4.99 35.60
CA ALA A 633 -20.53 -4.42 34.29
C ALA A 633 -19.27 -5.05 33.72
N GLU A 634 -18.23 -5.16 34.53
CA GLU A 634 -16.96 -5.72 34.09
C GLU A 634 -17.11 -7.19 33.72
N GLN A 635 -17.83 -7.95 34.54
CA GLN A 635 -18.11 -9.36 34.25
C GLN A 635 -18.88 -9.50 32.93
N LEU A 636 -19.82 -8.60 32.69
CA LEU A 636 -20.53 -8.58 31.41
C LEU A 636 -19.53 -8.34 30.28
N ARG A 637 -18.69 -7.33 30.43
CA ARG A 637 -17.67 -7.05 29.40
C ARG A 637 -16.81 -8.30 29.16
N LEU A 638 -16.37 -8.96 30.23
CA LEU A 638 -15.59 -10.18 30.11
C LEU A 638 -16.42 -11.31 29.46
N ARG A 639 -17.69 -11.43 29.81
CA ARG A 639 -18.55 -12.44 29.18
C ARG A 639 -18.68 -12.20 27.69
N LEU A 640 -18.75 -10.93 27.28
CA LEU A 640 -18.80 -10.59 25.86
C LEU A 640 -17.49 -11.00 25.14
N LEU A 641 -16.36 -10.80 25.81
CA LEU A 641 -15.08 -11.20 25.27
C LEU A 641 -15.06 -12.72 25.09
N CYS A 642 -15.51 -13.45 26.11
CA CYS A 642 -15.47 -14.93 26.08
C CYS A 642 -16.44 -15.50 25.05
N ALA A 643 -17.64 -14.95 24.95
CA ALA A 643 -18.60 -15.34 23.92
C ALA A 643 -18.01 -15.27 22.52
N ALA A 644 -17.21 -14.23 22.25
CA ALA A 644 -16.63 -14.07 20.92
C ALA A 644 -15.59 -15.16 20.65
N LYS A 645 -14.97 -15.68 21.71
CA LYS A 645 -14.05 -16.81 21.56
C LYS A 645 -14.78 -18.15 21.45
N TRP A 646 -15.74 -18.37 22.33
CA TRP A 646 -16.33 -19.70 22.49
C TRP A 646 -17.57 -19.89 21.60
N LEU A 647 -18.24 -18.80 21.27
CA LEU A 647 -19.41 -18.82 20.40
C LEU A 647 -19.21 -17.87 19.20
N PRO A 648 -18.16 -18.11 18.40
CA PRO A 648 -17.78 -17.15 17.35
C PRO A 648 -18.72 -17.20 16.14
N GLU A 649 -19.63 -18.15 16.09
CA GLU A 649 -20.58 -18.15 14.97
C GLU A 649 -21.59 -17.00 15.09
N TYR A 650 -21.63 -16.32 16.23
CA TYR A 650 -22.53 -15.17 16.39
C TYR A 650 -21.79 -13.85 16.33
N ASP A 651 -22.52 -12.77 16.10
CA ASP A 651 -21.90 -11.47 15.96
C ASP A 651 -21.84 -10.71 17.28
N TRP A 652 -20.87 -11.06 18.10
CA TRP A 652 -20.70 -10.39 19.38
C TRP A 652 -19.97 -9.07 19.15
N PRO A 653 -20.38 -8.01 19.86
CA PRO A 653 -19.71 -6.71 19.79
C PRO A 653 -18.31 -6.72 20.37
N ALA A 654 -17.41 -6.00 19.73
CA ALA A 654 -16.10 -5.77 20.28
C ALA A 654 -16.26 -4.89 21.53
N VAL A 655 -15.55 -5.25 22.59
CA VAL A 655 -15.65 -4.54 23.84
C VAL A 655 -14.27 -4.34 24.45
N ASP A 656 -13.26 -4.28 23.60
CA ASP A 656 -11.93 -3.85 24.04
C ASP A 656 -11.94 -2.34 24.26
N ASP A 657 -11.01 -1.83 25.06
CA ASP A 657 -10.98 -0.42 25.41
C ASP A 657 -11.05 0.50 24.20
N GLU A 658 -10.29 0.20 23.15
CA GLU A 658 -10.28 1.12 22.02
C GLU A 658 -11.60 1.10 21.23
N SER A 659 -12.22 -0.05 21.02
CA SER A 659 -13.52 -0.10 20.33
C SER A 659 -14.58 0.70 21.10
N LEU A 660 -14.54 0.58 22.42
CA LEU A 660 -15.47 1.28 23.29
C LEU A 660 -15.28 2.79 23.25
N LEU A 661 -14.02 3.24 23.39
CA LEU A 661 -13.69 4.66 23.28
C LEU A 661 -14.11 5.21 21.92
N ALA A 662 -13.92 4.41 20.88
CA ALA A 662 -14.24 4.85 19.53
C ALA A 662 -15.75 4.96 19.32
N ALA A 663 -16.52 4.11 20.01
CA ALA A 663 -17.95 4.03 19.75
C ALA A 663 -18.83 4.68 20.83
N LEU A 664 -18.23 5.49 21.71
CA LEU A 664 -18.97 6.15 22.81
C LEU A 664 -20.27 6.78 22.37
N GLU A 665 -20.24 7.43 21.21
CA GLU A 665 -21.42 8.04 20.59
C GLU A 665 -22.54 7.02 20.39
N THR A 666 -22.17 5.79 20.02
CA THR A 666 -23.19 4.79 19.74
C THR A 666 -23.69 4.07 21.02
N TRP A 667 -22.79 3.62 21.90
CA TRP A 667 -23.24 2.83 23.06
C TRP A 667 -23.50 3.63 24.35
N LEU A 668 -22.83 4.77 24.52
CA LEU A 668 -22.89 5.48 25.80
C LEU A 668 -23.73 6.72 25.76
N LEU A 669 -23.58 7.51 24.69
CA LEU A 669 -24.31 8.77 24.54
C LEU A 669 -25.84 8.64 24.65
N PRO A 670 -26.47 7.60 24.03
CA PRO A 670 -27.93 7.49 24.18
C PRO A 670 -28.42 7.52 25.62
N HIS A 671 -27.59 7.09 26.57
CA HIS A 671 -28.01 7.03 27.96
C HIS A 671 -27.70 8.29 28.79
N MET A 672 -27.18 9.33 28.13
CA MET A 672 -26.66 10.48 28.85
C MET A 672 -27.68 11.59 29.03
N THR A 673 -28.96 11.27 28.87
CA THR A 673 -30.00 12.26 29.09
C THR A 673 -30.04 12.64 30.57
N GLY A 674 -29.99 13.93 30.84
CA GLY A 674 -30.06 14.42 32.21
C GLY A 674 -28.73 14.48 32.93
N VAL A 675 -27.67 13.98 32.31
CA VAL A 675 -26.33 14.17 32.85
C VAL A 675 -25.89 15.61 32.61
N HIS A 676 -25.78 16.38 33.70
CA HIS A 676 -25.48 17.81 33.58
C HIS A 676 -24.15 18.19 34.24
N SER A 677 -23.43 17.20 34.75
CA SER A 677 -22.18 17.47 35.47
C SER A 677 -21.27 16.27 35.35
N LEU A 678 -19.97 16.51 35.49
CA LEU A 678 -19.00 15.42 35.49
C LEU A 678 -19.33 14.39 36.57
N ARG A 679 -19.98 14.84 37.64
CA ARG A 679 -20.43 13.96 38.71
C ARG A 679 -21.39 12.87 38.24
N GLY A 680 -22.18 13.19 37.22
CA GLY A 680 -23.20 12.28 36.72
C GLY A 680 -22.62 11.20 35.85
N LEU A 681 -21.38 11.38 35.39
CA LEU A 681 -20.70 10.35 34.61
C LEU A 681 -20.62 9.01 35.36
N LYS A 682 -20.44 9.06 36.69
CA LYS A 682 -20.36 7.85 37.50
C LYS A 682 -21.73 7.22 37.72
N SER A 683 -22.80 7.94 37.35
CA SER A 683 -24.17 7.46 37.54
C SER A 683 -24.70 6.62 36.36
N LEU A 684 -24.03 6.72 35.21
CA LEU A 684 -24.42 5.96 34.04
C LEU A 684 -24.36 4.48 34.30
N ASP A 685 -25.42 3.77 33.92
CA ASP A 685 -25.52 2.33 34.11
C ASP A 685 -24.75 1.62 33.02
N ILE A 686 -23.48 1.34 33.32
CA ILE A 686 -22.55 0.83 32.33
C ILE A 686 -22.95 -0.56 31.86
N TYR A 687 -23.48 -1.37 32.78
CA TYR A 687 -23.95 -2.72 32.48
C TYR A 687 -25.08 -2.69 31.49
N GLN A 688 -26.05 -1.81 31.72
CA GLN A 688 -27.19 -1.69 30.83
C GLN A 688 -26.74 -1.19 29.46
N ALA A 689 -25.81 -0.26 29.44
CA ALA A 689 -25.33 0.32 28.18
C ALA A 689 -24.61 -0.73 27.33
N LEU A 690 -23.69 -1.48 27.93
CA LEU A 690 -23.06 -2.61 27.26
C LEU A 690 -24.09 -3.65 26.77
N ARG A 691 -25.04 -3.98 27.64
CA ARG A 691 -26.06 -4.97 27.29
C ARG A 691 -26.94 -4.44 26.15
N GLY A 692 -27.01 -3.11 26.04
CA GLY A 692 -27.75 -2.45 24.99
C GLY A 692 -27.17 -2.76 23.61
N LEU A 693 -25.88 -3.09 23.57
CA LEU A 693 -25.21 -3.49 22.31
C LEU A 693 -25.81 -4.77 21.66
N LEU A 694 -26.59 -5.53 22.42
CA LEU A 694 -27.14 -6.79 21.93
C LEU A 694 -28.63 -6.67 21.70
N ASP A 695 -29.12 -7.29 20.63
CA ASP A 695 -30.56 -7.38 20.45
C ASP A 695 -31.13 -8.34 21.49
N TRP A 696 -32.45 -8.44 21.54
CA TRP A 696 -33.12 -9.27 22.51
C TRP A 696 -32.64 -10.72 22.43
N GLY A 697 -32.52 -11.23 21.21
CA GLY A 697 -32.09 -12.60 20.99
C GLY A 697 -30.73 -12.92 21.57
N MET A 698 -29.77 -12.05 21.31
CA MET A 698 -28.40 -12.23 21.78
C MET A 698 -28.30 -12.04 23.29
N GLN A 699 -29.14 -11.18 23.85
CA GLN A 699 -29.18 -11.00 25.29
C GLN A 699 -29.61 -12.31 25.95
N GLN A 700 -30.64 -12.94 25.38
CA GLN A 700 -31.14 -14.22 25.87
C GLN A 700 -30.06 -15.30 25.70
N ARG A 701 -29.43 -15.31 24.53
CA ARG A 701 -28.32 -16.23 24.25
C ARG A 701 -27.18 -16.07 25.27
N LEU A 702 -26.73 -14.84 25.50
CA LEU A 702 -25.67 -14.61 26.47
C LEU A 702 -26.11 -15.00 27.90
N ASP A 703 -27.34 -14.67 28.29
CA ASP A 703 -27.80 -15.04 29.63
C ASP A 703 -27.86 -16.55 29.82
N SER A 704 -28.06 -17.25 28.72
CA SER A 704 -28.21 -18.70 28.77
C SER A 704 -26.88 -19.46 28.55
N GLU A 705 -26.07 -18.99 27.61
CA GLU A 705 -24.87 -19.72 27.22
C GLU A 705 -23.66 -19.33 28.06
N LEU A 706 -23.63 -18.08 28.53
CA LEU A 706 -22.60 -17.63 29.45
C LEU A 706 -23.26 -16.98 30.65
N PRO A 707 -23.96 -17.77 31.45
CA PRO A 707 -24.79 -17.28 32.56
C PRO A 707 -23.96 -16.69 33.68
N ALA A 708 -24.51 -15.71 34.38
CA ALA A 708 -23.80 -15.08 35.50
C ALA A 708 -23.70 -16.03 36.66
N HIS A 709 -24.73 -16.88 36.82
CA HIS A 709 -24.77 -17.90 37.88
C HIS A 709 -25.04 -19.27 37.29
N TYR A 710 -24.48 -20.29 37.92
CA TYR A 710 -24.76 -21.68 37.58
C TYR A 710 -25.59 -22.31 38.72
N THR A 711 -26.66 -23.03 38.38
CA THR A 711 -27.45 -23.74 39.41
C THR A 711 -26.88 -25.15 39.63
N VAL A 712 -26.37 -25.39 40.83
CA VAL A 712 -25.77 -26.69 41.18
C VAL A 712 -26.86 -27.71 41.62
N PRO A 713 -26.49 -28.98 41.82
CA PRO A 713 -27.52 -29.97 42.17
C PRO A 713 -28.41 -29.64 43.38
N THR A 714 -27.91 -28.91 44.37
CA THR A 714 -28.71 -28.58 45.53
C THR A 714 -29.75 -27.52 45.22
N GLY A 715 -29.61 -26.83 44.08
CA GLY A 715 -30.51 -25.74 43.77
C GLY A 715 -29.88 -24.38 44.04
N SER A 716 -28.74 -24.38 44.73
CA SER A 716 -28.01 -23.13 44.95
C SER A 716 -27.58 -22.50 43.62
N ARG A 717 -27.57 -21.17 43.60
CA ARG A 717 -27.11 -20.44 42.43
C ARG A 717 -25.72 -19.88 42.70
N ILE A 718 -24.69 -20.51 42.11
CA ILE A 718 -23.31 -20.11 42.35
C ILE A 718 -22.77 -19.25 41.20
N ALA A 719 -22.11 -18.14 41.54
CA ALA A 719 -21.59 -17.20 40.56
C ALA A 719 -20.46 -17.82 39.76
N ILE A 720 -20.52 -17.67 38.44
CA ILE A 720 -19.41 -18.04 37.59
C ILE A 720 -18.46 -16.84 37.45
N ARG A 721 -17.17 -17.09 37.57
CA ARG A 721 -16.18 -16.02 37.51
C ARG A 721 -15.50 -16.04 36.14
N TYR A 722 -15.87 -15.09 35.29
CA TYR A 722 -15.27 -15.05 33.97
C TYR A 722 -13.98 -14.26 33.99
N HIS A 723 -13.16 -14.51 32.98
CA HIS A 723 -11.86 -13.92 32.88
C HIS A 723 -11.51 -13.80 31.39
N GLU A 724 -10.71 -12.79 31.04
CA GLU A 724 -10.39 -12.55 29.64
C GLU A 724 -9.62 -13.74 29.05
N ASP A 725 -8.77 -14.37 29.88
CA ASP A 725 -7.89 -15.45 29.45
C ASP A 725 -8.14 -16.79 30.16
N ASN A 726 -8.31 -16.77 31.48
CA ASN A 726 -8.46 -18.01 32.24
C ASN A 726 -9.82 -18.67 31.98
N PRO A 727 -9.89 -20.00 32.14
CA PRO A 727 -11.20 -20.65 32.05
C PRO A 727 -12.20 -20.09 33.06
N PRO A 728 -13.49 -20.09 32.71
CA PRO A 728 -14.51 -19.66 33.66
C PRO A 728 -14.50 -20.54 34.91
N ALA A 729 -14.55 -19.92 36.08
CA ALA A 729 -14.39 -20.68 37.31
C ALA A 729 -15.65 -20.67 38.17
N LEU A 730 -15.80 -21.71 38.95
CA LEU A 730 -16.96 -21.82 39.82
C LEU A 730 -16.53 -22.28 41.21
N ALA A 731 -16.57 -21.38 42.19
CA ALA A 731 -16.21 -21.70 43.57
C ALA A 731 -17.42 -22.24 44.29
N VAL A 732 -17.37 -23.52 44.65
CA VAL A 732 -18.55 -24.20 45.21
C VAL A 732 -18.15 -25.23 46.25
N ARG A 733 -18.92 -25.31 47.33
CA ARG A 733 -18.68 -26.37 48.31
C ARG A 733 -18.88 -27.74 47.65
N MET A 734 -17.91 -28.61 47.82
CA MET A 734 -17.92 -29.94 47.23
C MET A 734 -19.22 -30.67 47.52
N GLN A 735 -19.71 -30.55 48.75
CA GLN A 735 -20.93 -31.24 49.18
C GLN A 735 -22.12 -30.92 48.25
N GLU A 736 -22.11 -29.73 47.65
CA GLU A 736 -23.22 -29.30 46.81
C GLU A 736 -23.19 -29.93 45.42
N MET A 737 -22.05 -30.50 45.04
CA MET A 737 -21.92 -31.11 43.72
C MET A 737 -22.27 -32.60 43.72
N PHE A 738 -22.74 -33.11 44.85
CA PHE A 738 -23.13 -34.52 44.91
C PHE A 738 -24.32 -34.82 44.00
N GLY A 739 -24.21 -35.91 43.24
CA GLY A 739 -25.28 -36.29 42.35
C GLY A 739 -24.98 -35.96 40.91
N GLU A 740 -23.97 -35.10 40.71
CA GLU A 740 -23.53 -34.71 39.38
C GLU A 740 -22.35 -35.58 38.93
N ALA A 741 -22.56 -36.34 37.85
CA ALA A 741 -21.54 -37.26 37.38
C ALA A 741 -20.63 -36.60 36.36
N THR A 742 -21.13 -35.51 35.76
CA THR A 742 -20.47 -34.86 34.64
C THR A 742 -20.10 -33.43 34.96
N ASN A 743 -18.83 -33.09 34.79
CA ASN A 743 -18.37 -31.73 35.00
C ASN A 743 -19.26 -30.72 34.27
N PRO A 744 -19.76 -29.72 34.98
CA PRO A 744 -20.60 -28.65 34.40
C PRO A 744 -19.94 -27.97 33.20
N THR A 745 -20.75 -27.52 32.24
CA THR A 745 -20.23 -26.81 31.08
C THR A 745 -21.16 -25.70 30.68
N ILE A 746 -20.59 -24.68 30.03
CA ILE A 746 -21.38 -23.59 29.47
C ILE A 746 -21.05 -23.47 27.99
N ALA A 747 -21.54 -22.40 27.34
CA ALA A 747 -21.22 -22.09 25.94
C ALA A 747 -21.60 -23.25 25.01
N GLN A 748 -22.87 -23.64 25.02
CA GLN A 748 -23.37 -24.75 24.21
C GLN A 748 -22.56 -26.02 24.43
N GLY A 749 -22.16 -26.28 25.68
CA GLY A 749 -21.43 -27.51 26.01
C GLY A 749 -19.95 -27.53 25.63
N ARG A 750 -19.42 -26.38 25.21
CA ARG A 750 -18.07 -26.31 24.69
C ARG A 750 -16.97 -26.09 25.74
N VAL A 751 -17.34 -25.53 26.89
CA VAL A 751 -16.36 -25.09 27.86
C VAL A 751 -16.70 -25.59 29.25
N PRO A 752 -15.89 -26.52 29.77
CA PRO A 752 -16.16 -26.98 31.14
C PRO A 752 -15.78 -25.91 32.15
N LEU A 753 -16.57 -25.78 33.21
CA LEU A 753 -16.25 -24.87 34.30
C LEU A 753 -15.10 -25.42 35.14
N VAL A 754 -14.15 -24.57 35.49
CA VAL A 754 -13.15 -25.00 36.43
C VAL A 754 -13.81 -24.92 37.81
N LEU A 755 -13.93 -26.06 38.47
CA LEU A 755 -14.58 -26.15 39.77
C LEU A 755 -13.57 -25.94 40.88
N GLU A 756 -13.81 -24.92 41.69
CA GLU A 756 -13.00 -24.75 42.88
C GLU A 756 -13.77 -25.35 44.04
N LEU A 757 -13.50 -26.62 44.29
CA LEU A 757 -14.24 -27.40 45.26
C LEU A 757 -13.79 -27.09 46.67
N LEU A 758 -14.75 -26.70 47.49
CA LEU A 758 -14.45 -26.17 48.82
C LEU A 758 -15.02 -27.08 49.90
N SER A 759 -14.50 -26.93 51.10
CA SER A 759 -15.04 -27.57 52.29
C SER A 759 -16.23 -26.78 52.87
N PRO A 760 -16.94 -27.33 53.87
CA PRO A 760 -18.00 -26.58 54.56
C PRO A 760 -17.58 -25.21 55.02
N ALA A 761 -16.30 -25.06 55.32
CA ALA A 761 -15.74 -23.79 55.78
C ALA A 761 -15.17 -22.98 54.62
N GLN A 762 -15.52 -23.35 53.38
CA GLN A 762 -15.30 -22.50 52.22
C GLN A 762 -13.81 -22.38 51.93
N ARG A 763 -13.14 -23.45 52.34
CA ARG A 763 -11.72 -23.75 52.18
C ARG A 763 -11.51 -24.69 50.98
N PRO A 764 -10.68 -24.27 50.00
CA PRO A 764 -10.35 -24.98 48.75
C PRO A 764 -9.77 -26.38 48.95
N LEU A 765 -10.55 -27.39 48.56
CA LEU A 765 -10.16 -28.78 48.64
C LEU A 765 -9.49 -29.28 47.35
N GLN A 766 -10.01 -28.85 46.20
CA GLN A 766 -9.50 -29.30 44.92
C GLN A 766 -9.89 -28.33 43.81
N ILE A 767 -9.01 -28.14 42.85
CA ILE A 767 -9.34 -27.41 41.64
C ILE A 767 -9.37 -28.37 40.45
N THR A 768 -10.54 -28.51 39.84
CA THR A 768 -10.69 -29.48 38.76
C THR A 768 -11.71 -29.02 37.72
N ARG A 769 -11.51 -29.46 36.49
CA ARG A 769 -12.54 -29.28 35.48
C ARG A 769 -12.85 -30.63 34.88
N ASP A 770 -12.40 -31.68 35.56
CA ASP A 770 -12.76 -33.04 35.23
C ASP A 770 -13.38 -33.68 36.46
N LEU A 771 -14.57 -33.20 36.83
CA LEU A 771 -15.26 -33.65 38.03
C LEU A 771 -15.36 -35.18 38.10
N SER A 772 -15.64 -35.81 36.96
CA SER A 772 -15.71 -37.28 36.88
C SER A 772 -14.42 -37.96 37.33
N ASP A 773 -13.27 -37.43 36.89
CA ASP A 773 -11.98 -37.93 37.34
C ASP A 773 -11.77 -37.71 38.84
N PHE A 774 -12.35 -36.64 39.36
CA PHE A 774 -12.13 -36.31 40.76
C PHE A 774 -12.83 -37.30 41.69
N TRP A 775 -14.11 -37.56 41.42
CA TRP A 775 -14.85 -38.57 42.17
C TRP A 775 -14.10 -39.92 42.21
N LYS A 776 -13.57 -40.35 41.06
CA LYS A 776 -12.84 -41.61 40.99
C LYS A 776 -11.41 -41.49 41.53
N GLY A 777 -10.86 -40.27 41.53
CA GLY A 777 -9.46 -40.08 41.87
C GLY A 777 -9.21 -39.53 43.26
N ALA A 778 -8.89 -38.23 43.32
CA ALA A 778 -8.45 -37.60 44.56
C ALA A 778 -9.55 -37.51 45.61
N TYR A 779 -10.79 -37.82 45.24
CA TYR A 779 -11.89 -37.75 46.20
C TYR A 779 -11.71 -38.68 47.39
N ARG A 780 -11.18 -39.89 47.17
CA ARG A 780 -11.08 -40.85 48.26
C ARG A 780 -10.11 -40.36 49.34
N GLU A 781 -9.20 -39.48 48.95
CA GLU A 781 -8.27 -38.90 49.90
C GLU A 781 -8.84 -37.64 50.57
N VAL A 782 -9.74 -36.98 49.86
CA VAL A 782 -10.48 -35.83 50.40
C VAL A 782 -11.58 -36.30 51.36
N GLN A 783 -12.19 -37.44 51.03
CA GLN A 783 -13.27 -38.01 51.84
C GLN A 783 -12.80 -38.39 53.23
N LYS A 784 -11.56 -38.83 53.35
CA LYS A 784 -11.08 -39.25 54.66
C LYS A 784 -10.80 -38.02 55.55
N GLU A 785 -10.35 -36.92 54.95
CA GLU A 785 -10.09 -35.72 55.74
C GLU A 785 -11.39 -34.99 56.08
N MET A 786 -12.39 -35.16 55.22
CA MET A 786 -13.71 -34.59 55.50
C MET A 786 -14.45 -35.44 56.53
N LYS A 787 -14.04 -36.70 56.66
CA LYS A 787 -14.55 -37.55 57.72
C LYS A 787 -13.83 -37.26 59.04
N GLY A 788 -12.72 -36.53 58.96
CA GLY A 788 -11.95 -36.17 60.14
C GLY A 788 -12.20 -34.78 60.70
N ARG A 789 -12.29 -33.78 59.83
CA ARG A 789 -12.46 -32.41 60.32
C ARG A 789 -13.94 -32.03 60.40
N TYR A 790 -14.79 -32.77 59.69
CA TYR A 790 -16.24 -32.52 59.75
C TYR A 790 -17.03 -33.82 59.79
N PRO A 791 -16.92 -34.56 60.91
CA PRO A 791 -17.57 -35.87 61.03
C PRO A 791 -19.09 -35.76 61.11
N LYS A 792 -19.59 -34.53 61.24
CA LYS A 792 -21.03 -34.30 61.37
C LYS A 792 -21.71 -34.26 59.99
N HIS A 793 -20.91 -34.26 58.92
CA HIS A 793 -21.46 -34.33 57.57
C HIS A 793 -21.38 -35.74 56.99
N VAL A 794 -22.29 -36.05 56.08
CA VAL A 794 -22.20 -37.28 55.32
C VAL A 794 -21.27 -37.09 54.12
N TRP A 795 -20.18 -37.84 54.09
CA TRP A 795 -19.25 -37.86 52.97
C TRP A 795 -19.28 -39.23 52.31
N PRO A 796 -20.18 -39.41 51.32
CA PRO A 796 -20.51 -40.70 50.71
C PRO A 796 -19.40 -41.30 49.84
N ASP A 797 -19.35 -42.63 49.80
CA ASP A 797 -18.34 -43.33 49.02
C ASP A 797 -18.62 -43.21 47.53
N ASP A 798 -19.87 -42.92 47.17
CA ASP A 798 -20.22 -42.71 45.75
C ASP A 798 -20.93 -41.36 45.51
N PRO A 799 -20.18 -40.25 45.64
CA PRO A 799 -20.74 -38.89 45.55
C PRO A 799 -21.38 -38.59 44.20
N ALA A 800 -20.85 -39.16 43.13
CA ALA A 800 -21.44 -38.99 41.80
C ALA A 800 -22.90 -39.42 41.71
N ASN A 801 -23.31 -40.37 42.55
CA ASN A 801 -24.67 -40.92 42.51
C ASN A 801 -25.50 -40.68 43.77
N THR A 802 -24.91 -40.06 44.78
CA THR A 802 -25.64 -39.70 45.99
C THR A 802 -26.68 -38.60 45.73
N ALA A 803 -27.92 -38.87 46.12
CA ALA A 803 -29.01 -37.92 45.94
C ALA A 803 -28.69 -36.58 46.59
N PRO A 804 -28.75 -35.50 45.80
CA PRO A 804 -28.52 -34.15 46.32
C PRO A 804 -29.58 -33.74 47.33
N THR A 805 -29.15 -33.16 48.44
CA THR A 805 -30.07 -32.59 49.42
C THR A 805 -30.74 -31.36 48.80
N ARG A 806 -32.01 -31.50 48.41
CA ARG A 806 -32.73 -30.41 47.76
C ARG A 806 -32.90 -29.20 48.69
N ARG A 807 -32.21 -28.10 48.37
CA ARG A 807 -32.29 -26.87 49.17
C ARG A 807 -33.63 -26.18 48.96
N THR A 808 -34.08 -26.15 47.70
CA THR A 808 -35.31 -25.47 47.32
C THR A 808 -36.48 -26.44 47.24
C1 EDO B . 37.29 -11.42 -5.98
O1 EDO B . 36.47 -12.55 -5.96
C2 EDO B . 36.84 -10.45 -4.89
O2 EDO B . 36.85 -11.09 -3.60
C1 EDO C . -6.12 12.07 4.17
O1 EDO C . -6.11 10.89 3.41
C2 EDO C . -4.90 12.12 5.10
O2 EDO C . -3.66 12.12 4.36
#